data_1ZHQ
#
_entry.id   1ZHQ
#
_cell.length_a   76.184
_cell.length_b   74.873
_cell.length_c   83.901
_cell.angle_alpha   90.00
_cell.angle_beta   100.77
_cell.angle_gamma   90.00
#
_symmetry.space_group_name_H-M   'P 1 21 1'
#
loop_
_entity.id
_entity.type
_entity.pdbx_description
1 polymer 'mannan-binding lectin'
2 non-polymer 'PHOSPHATE ION'
3 non-polymer 1,2-ETHANEDIOL
4 water water
#
_entity_poly.entity_id   1
_entity_poly.type   'polypeptide(L)'
_entity_poly.pdbx_seq_one_letter_code
;ASYKVNIPAGPLWSNAEAQQVGPKIAAAHQGNFTGQWTTVVESAMSVVEVELQVENTGIHEFKTDVLAGPLWSNDEAQKL
GPQIAASYGAEFTGQWRTIVEGVMSVIQIKYTF
;
_entity_poly.pdbx_strand_id   A,B,C,D,E,F,G,H
#
# COMPACT_ATOMS: atom_id res chain seq x y z
N ALA A 1 2.43 7.17 25.80
CA ALA A 1 3.48 8.13 26.28
C ALA A 1 4.73 7.98 25.45
N SER A 2 5.47 9.08 25.28
CA SER A 2 6.67 9.04 24.46
C SER A 2 7.87 9.72 25.12
N TYR A 3 9.03 9.58 24.49
CA TYR A 3 10.26 10.18 25.01
C TYR A 3 11.25 10.31 23.85
N LYS A 4 12.31 11.09 24.04
CA LYS A 4 13.27 11.30 22.95
C LYS A 4 14.68 10.88 23.27
N VAL A 5 15.36 10.30 22.27
CA VAL A 5 16.77 9.89 22.40
C VAL A 5 17.46 10.17 21.06
N ASN A 6 18.78 10.33 21.10
CA ASN A 6 19.54 10.52 19.88
C ASN A 6 20.02 9.14 19.44
N ILE A 7 19.89 8.87 18.14
CA ILE A 7 20.28 7.59 17.59
C ILE A 7 21.37 7.83 16.56
N PRO A 8 22.42 7.00 16.56
CA PRO A 8 23.52 7.15 15.60
C PRO A 8 23.02 7.08 14.18
N ALA A 9 23.65 7.83 13.28
CA ALA A 9 23.24 7.84 11.88
C ALA A 9 24.47 7.79 10.98
N GLY A 10 25.65 7.79 11.59
CA GLY A 10 26.88 7.83 10.82
C GLY A 10 27.08 9.31 10.56
N PRO A 11 28.13 9.71 9.85
CA PRO A 11 28.33 11.14 9.58
C PRO A 11 27.25 11.73 8.68
N LEU A 12 26.73 12.90 9.03
CA LEU A 12 25.71 13.57 8.22
C LEU A 12 26.38 14.88 7.77
N TRP A 13 26.61 15.02 6.46
CA TRP A 13 27.33 16.19 5.96
C TRP A 13 26.59 17.51 5.70
N SER A 14 25.26 17.51 5.86
CA SER A 14 24.49 18.72 5.66
C SER A 14 23.13 18.51 6.30
N ASN A 15 22.41 19.59 6.57
CA ASN A 15 21.09 19.46 7.16
C ASN A 15 20.17 18.75 6.18
N ALA A 16 20.35 19.01 4.88
CA ALA A 16 19.52 18.38 3.87
C ALA A 16 19.62 16.86 3.98
N GLU A 17 20.86 16.36 4.13
CA GLU A 17 21.06 14.92 4.22
C GLU A 17 20.39 14.39 5.49
N ALA A 18 20.49 15.15 6.56
CA ALA A 18 19.90 14.77 7.85
C ALA A 18 18.39 14.65 7.78
N GLN A 19 17.75 15.56 7.05
CA GLN A 19 16.30 15.52 6.91
C GLN A 19 15.87 14.37 6.00
N GLN A 20 16.77 13.94 5.13
CA GLN A 20 16.48 12.81 4.24
C GLN A 20 16.69 11.50 5.01
N VAL A 21 17.80 11.42 5.75
CA VAL A 21 18.15 10.22 6.51
C VAL A 21 17.45 10.05 7.86
N GLY A 22 17.24 11.14 8.59
CA GLY A 22 16.60 11.07 9.89
C GLY A 22 15.30 10.27 9.89
N PRO A 23 14.39 10.54 8.94
CA PRO A 23 13.14 9.79 8.94
C PRO A 23 13.34 8.28 8.71
N LYS A 24 14.36 7.91 7.94
CA LYS A 24 14.60 6.50 7.65
C LYS A 24 15.10 5.78 8.89
N ILE A 25 16.03 6.40 9.60
CA ILE A 25 16.53 5.80 10.82
C ILE A 25 15.41 5.74 11.86
N ALA A 26 14.61 6.79 11.94
CA ALA A 26 13.51 6.81 12.88
C ALA A 26 12.53 5.69 12.56
N ALA A 27 12.22 5.51 11.29
CA ALA A 27 11.29 4.45 10.93
C ALA A 27 11.84 3.05 11.27
N ALA A 28 13.16 2.88 11.17
CA ALA A 28 13.77 1.57 11.47
C ALA A 28 13.71 1.29 12.97
N HIS A 29 13.57 2.35 13.75
CA HIS A 29 13.52 2.25 15.21
C HIS A 29 12.12 2.54 15.79
N GLN A 30 11.12 2.46 14.91
CA GLN A 30 9.73 2.66 15.27
C GLN A 30 9.46 3.97 15.96
N GLY A 31 10.11 5.03 15.50
CA GLY A 31 9.90 6.32 16.13
C GLY A 31 9.65 7.40 15.10
N ASN A 32 9.62 8.64 15.56
CA ASN A 32 9.41 9.78 14.70
C ASN A 32 10.58 10.74 14.84
N PHE A 33 11.26 10.99 13.73
CA PHE A 33 12.38 11.92 13.69
C PHE A 33 11.80 13.32 14.02
N THR A 34 12.42 14.03 14.95
CA THR A 34 11.94 15.36 15.36
C THR A 34 12.45 16.49 14.46
N GLY A 35 13.38 16.16 13.57
CA GLY A 35 13.96 17.17 12.69
C GLY A 35 15.29 17.65 13.25
N GLN A 36 15.55 17.37 14.53
CA GLN A 36 16.80 17.81 15.17
C GLN A 36 17.91 16.77 15.06
N TRP A 37 19.14 17.25 14.93
CA TRP A 37 20.27 16.35 14.82
C TRP A 37 21.54 17.04 15.26
N THR A 38 22.59 16.26 15.50
CA THR A 38 23.86 16.82 15.96
C THR A 38 25.05 15.99 15.49
N THR A 39 26.18 16.63 15.20
CA THR A 39 27.35 15.87 14.85
C THR A 39 28.10 15.75 16.20
N VAL A 40 28.45 14.53 16.58
CA VAL A 40 29.12 14.32 17.86
C VAL A 40 30.60 14.00 17.74
N VAL A 41 31.01 13.59 16.55
CA VAL A 41 32.43 13.34 16.27
C VAL A 41 32.64 13.92 14.87
N GLU A 42 33.31 15.06 14.80
CA GLU A 42 33.56 15.74 13.55
C GLU A 42 34.03 14.77 12.47
N SER A 43 33.37 14.84 11.31
CA SER A 43 33.71 14.00 10.17
C SER A 43 33.50 12.50 10.35
N ALA A 44 32.91 12.08 11.47
CA ALA A 44 32.76 10.63 11.67
C ALA A 44 31.43 10.14 12.20
N MET A 45 30.72 10.97 12.97
CA MET A 45 29.45 10.49 13.53
C MET A 45 28.51 11.62 13.88
N SER A 46 27.25 11.45 13.49
CA SER A 46 26.20 12.41 13.78
C SER A 46 25.06 11.56 14.33
N VAL A 47 24.15 12.17 15.07
CA VAL A 47 23.01 11.43 15.59
C VAL A 47 21.75 12.22 15.24
N VAL A 48 20.63 11.51 15.14
CA VAL A 48 19.35 12.14 14.83
C VAL A 48 18.41 11.92 16.03
N GLU A 49 17.70 12.98 16.42
CA GLU A 49 16.79 12.90 17.56
C GLU A 49 15.52 12.18 17.15
N VAL A 50 15.16 11.16 17.90
CA VAL A 50 13.99 10.37 17.58
C VAL A 50 13.03 10.17 18.75
N GLU A 51 11.75 10.43 18.50
CA GLU A 51 10.76 10.26 19.54
C GLU A 51 10.25 8.82 19.46
N LEU A 52 10.37 8.12 20.57
CA LEU A 52 9.97 6.73 20.70
C LEU A 52 8.75 6.59 21.59
N GLN A 53 8.00 5.53 21.39
CA GLN A 53 6.82 5.26 22.21
C GLN A 53 7.27 4.31 23.31
N VAL A 54 6.71 4.47 24.50
CA VAL A 54 7.07 3.59 25.61
C VAL A 54 6.68 2.16 25.26
N GLU A 55 5.56 2.01 24.58
CA GLU A 55 5.10 0.68 24.21
C GLU A 55 4.73 0.63 22.74
N ASN A 56 5.34 -0.29 22.01
CA ASN A 56 5.06 -0.45 20.59
C ASN A 56 4.02 -1.53 20.44
N THR A 57 2.87 -1.18 19.88
CA THR A 57 1.80 -2.16 19.71
C THR A 57 1.49 -2.40 18.25
N GLY A 58 0.67 -3.40 17.98
CA GLY A 58 0.33 -3.70 16.60
C GLY A 58 -0.02 -5.16 16.47
N ILE A 59 -0.37 -5.58 15.26
CA ILE A 59 -0.75 -6.96 15.04
C ILE A 59 0.35 -7.75 14.33
N HIS A 60 1.43 -7.08 13.96
CA HIS A 60 2.52 -7.76 13.27
C HIS A 60 3.71 -7.90 14.21
N GLU A 61 4.56 -8.88 13.92
CA GLU A 61 5.75 -9.06 14.73
C GLU A 61 6.91 -9.63 13.96
N PHE A 62 8.10 -9.50 14.54
CA PHE A 62 9.30 -10.03 13.96
C PHE A 62 10.21 -10.42 15.10
N LYS A 63 10.66 -11.67 15.10
CA LYS A 63 11.55 -12.15 16.16
C LYS A 63 12.95 -12.30 15.61
N THR A 64 13.94 -11.98 16.43
CA THR A 64 15.32 -12.06 16.00
C THR A 64 16.23 -12.06 17.22
N ASP A 65 17.51 -12.33 17.01
CA ASP A 65 18.45 -12.33 18.13
C ASP A 65 19.29 -11.05 18.06
N VAL A 66 19.58 -10.49 19.21
CA VAL A 66 20.42 -9.31 19.26
C VAL A 66 21.43 -9.44 20.39
N LEU A 67 22.52 -8.70 20.30
CA LEU A 67 23.54 -8.75 21.34
C LEU A 67 22.96 -8.41 22.70
N ALA A 68 23.36 -9.17 23.72
CA ALA A 68 22.82 -8.94 25.05
C ALA A 68 23.93 -8.69 26.04
N GLY A 69 25.16 -8.65 25.54
CA GLY A 69 26.31 -8.49 26.42
C GLY A 69 26.54 -9.90 26.96
N PRO A 70 27.59 -10.12 27.76
CA PRO A 70 27.75 -11.50 28.24
C PRO A 70 26.70 -11.81 29.32
N LEU A 71 26.07 -12.98 29.23
CA LEU A 71 25.08 -13.40 30.23
C LEU A 71 25.60 -14.72 30.79
N TRP A 72 25.73 -14.77 32.12
CA TRP A 72 26.30 -15.94 32.78
C TRP A 72 25.39 -17.05 33.25
N SER A 73 24.09 -16.83 33.27
CA SER A 73 23.19 -17.88 33.75
C SER A 73 21.77 -17.60 33.30
N ASN A 74 20.92 -18.62 33.37
CA ASN A 74 19.53 -18.44 32.98
C ASN A 74 18.88 -17.43 33.91
N ASP A 75 19.33 -17.43 35.16
CA ASP A 75 18.81 -16.51 36.14
C ASP A 75 19.10 -15.06 35.74
N GLU A 76 20.33 -14.78 35.31
CA GLU A 76 20.69 -13.43 34.91
C GLU A 76 19.91 -13.04 33.64
N ALA A 77 19.72 -13.99 32.73
CA ALA A 77 18.98 -13.72 31.51
C ALA A 77 17.52 -13.38 31.84
N GLN A 78 16.93 -14.11 32.79
CA GLN A 78 15.55 -13.84 33.18
C GLN A 78 15.41 -12.46 33.77
N LYS A 79 16.41 -12.07 34.55
CA LYS A 79 16.39 -10.77 35.21
C LYS A 79 16.67 -9.62 34.23
N LEU A 80 17.71 -9.77 33.42
CA LEU A 80 18.10 -8.73 32.49
C LEU A 80 17.40 -8.70 31.11
N GLY A 81 17.02 -9.87 30.62
CA GLY A 81 16.37 -9.97 29.31
C GLY A 81 15.32 -8.93 28.95
N PRO A 82 14.29 -8.72 29.80
CA PRO A 82 13.27 -7.72 29.47
C PRO A 82 13.84 -6.30 29.38
N GLN A 83 14.83 -6.02 30.22
CA GLN A 83 15.45 -4.70 30.25
C GLN A 83 16.30 -4.50 29.00
N ILE A 84 17.08 -5.51 28.65
CA ILE A 84 17.89 -5.43 27.44
C ILE A 84 16.95 -5.33 26.24
N ALA A 85 15.87 -6.10 26.24
CA ALA A 85 14.94 -6.04 25.11
C ALA A 85 14.37 -4.64 24.97
N ALA A 86 14.02 -4.03 26.10
CA ALA A 86 13.47 -2.69 26.08
C ALA A 86 14.49 -1.71 25.48
N SER A 87 15.77 -1.98 25.65
CA SER A 87 16.80 -1.09 25.10
C SER A 87 16.86 -1.17 23.57
N TYR A 88 16.13 -2.13 23.00
CA TYR A 88 16.05 -2.28 21.55
C TYR A 88 14.63 -1.90 21.11
N GLY A 89 13.82 -1.43 22.05
CA GLY A 89 12.45 -1.08 21.73
C GLY A 89 11.64 -2.33 21.39
N ALA A 90 11.89 -3.42 22.12
CA ALA A 90 11.19 -4.67 21.86
C ALA A 90 10.94 -5.45 23.14
N GLU A 91 10.42 -6.67 23.01
CA GLU A 91 10.12 -7.50 24.17
C GLU A 91 10.98 -8.78 24.17
N PHE A 92 11.29 -9.25 25.37
CA PHE A 92 12.09 -10.46 25.55
C PHE A 92 11.19 -11.69 25.50
N THR A 93 11.52 -12.66 24.66
CA THR A 93 10.70 -13.87 24.56
C THR A 93 11.07 -14.94 25.59
N GLY A 94 12.22 -14.76 26.24
CA GLY A 94 12.68 -15.75 27.21
C GLY A 94 13.83 -16.58 26.64
N GLN A 95 13.91 -16.66 25.32
CA GLN A 95 14.99 -17.42 24.67
C GLN A 95 16.30 -16.65 24.56
N TRP A 96 17.41 -17.33 24.82
CA TRP A 96 18.73 -16.70 24.73
C TRP A 96 19.82 -17.77 24.63
N ARG A 97 21.03 -17.37 24.27
CA ARG A 97 22.12 -18.32 24.21
C ARG A 97 23.42 -17.55 24.13
N THR A 98 24.47 -18.12 24.69
CA THR A 98 25.77 -17.49 24.63
C THR A 98 26.34 -17.77 23.23
N ILE A 99 26.96 -16.77 22.60
CA ILE A 99 27.52 -16.96 21.27
C ILE A 99 29.05 -17.04 21.24
N VAL A 100 29.69 -16.45 22.25
CA VAL A 100 31.15 -16.53 22.40
C VAL A 100 31.40 -16.67 23.91
N GLU A 101 31.88 -17.84 24.32
CA GLU A 101 32.12 -18.09 25.74
C GLU A 101 32.90 -17.00 26.47
N GLY A 102 32.36 -16.56 27.61
CA GLY A 102 33.00 -15.54 28.42
C GLY A 102 33.03 -14.15 27.80
N VAL A 103 32.38 -13.97 26.65
CA VAL A 103 32.42 -12.67 25.98
C VAL A 103 31.08 -12.09 25.56
N MET A 104 30.21 -12.91 24.99
CA MET A 104 28.94 -12.37 24.49
C MET A 104 27.80 -13.35 24.38
N SER A 105 26.59 -12.88 24.66
CA SER A 105 25.41 -13.70 24.53
C SER A 105 24.43 -12.90 23.71
N VAL A 106 23.34 -13.54 23.31
CA VAL A 106 22.30 -12.84 22.57
C VAL A 106 20.98 -13.26 23.17
N ILE A 107 19.96 -12.42 22.99
CA ILE A 107 18.63 -12.76 23.48
C ILE A 107 17.71 -12.67 22.30
N GLN A 108 16.62 -13.43 22.34
CA GLN A 108 15.65 -13.33 21.26
C GLN A 108 14.68 -12.22 21.68
N ILE A 109 14.37 -11.31 20.77
CA ILE A 109 13.44 -10.24 21.07
C ILE A 109 12.32 -10.34 20.05
N LYS A 110 11.19 -9.75 20.38
CA LYS A 110 10.05 -9.74 19.49
C LYS A 110 9.67 -8.29 19.28
N TYR A 111 9.70 -7.87 18.02
CA TYR A 111 9.30 -6.52 17.67
C TYR A 111 7.82 -6.65 17.34
N THR A 112 7.02 -5.67 17.75
CA THR A 112 5.61 -5.66 17.43
C THR A 112 5.37 -4.34 16.71
N PHE A 113 4.66 -4.38 15.58
CA PHE A 113 4.43 -3.17 14.83
C PHE A 113 3.16 -3.25 13.99
N ALA B 1 37.47 6.98 18.14
CA ALA B 1 36.74 8.08 18.82
C ALA B 1 35.43 7.53 19.37
N SER B 2 34.87 8.23 20.35
CA SER B 2 33.63 7.80 20.95
C SER B 2 32.67 8.96 21.14
N TYR B 3 31.44 8.62 21.52
CA TYR B 3 30.39 9.60 21.73
C TYR B 3 29.37 9.01 22.69
N LYS B 4 28.44 9.84 23.14
CA LYS B 4 27.41 9.40 24.08
C LYS B 4 26.00 9.60 23.57
N VAL B 5 25.11 8.68 23.95
CA VAL B 5 23.69 8.79 23.63
C VAL B 5 22.97 8.13 24.80
N ASN B 6 21.69 8.44 24.94
CA ASN B 6 20.87 7.82 25.98
C ASN B 6 20.18 6.63 25.34
N ILE B 7 20.16 5.51 26.04
CA ILE B 7 19.53 4.31 25.51
C ILE B 7 18.43 3.87 26.47
N PRO B 8 17.26 3.50 25.93
CA PRO B 8 16.13 3.04 26.77
C PRO B 8 16.56 1.87 27.65
N ALA B 9 16.07 1.83 28.88
CA ALA B 9 16.42 0.73 29.80
C ALA B 9 15.18 0.13 30.42
N GLY B 10 14.02 0.65 30.03
CA GLY B 10 12.78 0.19 30.64
C GLY B 10 12.70 1.02 31.92
N PRO B 11 11.73 0.77 32.80
CA PRO B 11 11.73 1.61 34.01
C PRO B 11 12.86 1.24 34.95
N LEU B 12 13.49 2.25 35.55
CA LEU B 12 14.55 2.06 36.52
C LEU B 12 14.00 2.72 37.75
N TRP B 13 13.82 1.93 38.79
CA TRP B 13 13.19 2.38 40.02
C TRP B 13 14.03 3.11 41.04
N SER B 14 15.34 2.93 41.00
CA SER B 14 16.22 3.60 41.96
C SER B 14 17.62 3.73 41.39
N ASN B 15 18.44 4.56 42.02
CA ASN B 15 19.81 4.74 41.54
C ASN B 15 20.54 3.42 41.73
N ALA B 16 20.17 2.69 42.77
CA ALA B 16 20.79 1.40 43.04
C ALA B 16 20.53 0.46 41.88
N GLU B 17 19.31 0.46 41.36
CA GLU B 17 19.02 -0.44 40.25
C GLU B 17 19.73 0.06 39.01
N ALA B 18 19.70 1.37 38.80
CA ALA B 18 20.33 1.98 37.63
C ALA B 18 21.82 1.67 37.53
N GLN B 19 22.53 1.77 38.65
CA GLN B 19 23.95 1.52 38.63
C GLN B 19 24.26 0.05 38.35
N GLN B 20 23.31 -0.83 38.65
CA GLN B 20 23.50 -2.25 38.38
C GLN B 20 23.14 -2.58 36.94
N VAL B 21 22.01 -2.05 36.51
CA VAL B 21 21.50 -2.31 35.17
C VAL B 21 22.16 -1.49 34.05
N GLY B 22 22.49 -0.23 34.31
CA GLY B 22 23.13 0.58 33.29
C GLY B 22 24.27 -0.10 32.54
N PRO B 23 25.22 -0.74 33.26
CA PRO B 23 26.34 -1.41 32.59
C PRO B 23 25.90 -2.59 31.71
N LYS B 24 24.79 -3.21 32.08
CA LYS B 24 24.27 -4.35 31.32
C LYS B 24 23.67 -3.89 30.00
N ILE B 25 22.96 -2.78 30.04
CA ILE B 25 22.35 -2.23 28.82
C ILE B 25 23.48 -1.77 27.90
N ALA B 26 24.48 -1.10 28.49
CA ALA B 26 25.62 -0.59 27.74
C ALA B 26 26.36 -1.73 27.04
N ALA B 27 26.60 -2.80 27.78
CA ALA B 27 27.32 -3.92 27.23
C ALA B 27 26.56 -4.53 26.05
N ALA B 28 25.22 -4.55 26.15
CA ALA B 28 24.42 -5.14 25.07
C ALA B 28 24.57 -4.30 23.79
N HIS B 29 24.92 -3.03 23.96
CA HIS B 29 25.11 -2.12 22.82
C HIS B 29 26.56 -1.77 22.58
N GLN B 30 27.44 -2.65 23.06
CA GLN B 30 28.86 -2.47 22.88
C GLN B 30 29.35 -1.12 23.36
N GLY B 31 28.80 -0.65 24.46
CA GLY B 31 29.23 0.64 25.00
C GLY B 31 29.54 0.52 26.47
N ASN B 32 29.68 1.66 27.14
CA ASN B 32 29.95 1.70 28.57
C ASN B 32 29.03 2.71 29.22
N PHE B 33 28.44 2.32 30.33
CA PHE B 33 27.52 3.16 31.06
C PHE B 33 28.33 4.24 31.78
N THR B 34 27.91 5.50 31.65
CA THR B 34 28.63 6.59 32.28
C THR B 34 28.24 6.82 33.74
N GLY B 35 27.12 6.23 34.14
CA GLY B 35 26.64 6.42 35.50
C GLY B 35 25.46 7.38 35.53
N GLN B 36 25.28 8.13 34.45
CA GLN B 36 24.20 9.10 34.36
C GLN B 36 22.96 8.44 33.78
N TRP B 37 21.80 8.77 34.30
CA TRP B 37 20.56 8.18 33.79
C TRP B 37 19.40 9.08 34.16
N THR B 38 18.30 8.88 33.45
CA THR B 38 17.11 9.70 33.67
C THR B 38 15.81 8.92 33.45
N THR B 39 14.83 9.16 34.31
CA THR B 39 13.51 8.55 34.12
C THR B 39 12.81 9.55 33.19
N VAL B 40 12.32 9.07 32.05
CA VAL B 40 11.66 9.97 31.10
C VAL B 40 10.13 9.85 31.09
N VAL B 41 9.63 8.75 31.62
CA VAL B 41 8.18 8.54 31.73
C VAL B 41 7.98 7.84 33.07
N GLU B 42 7.35 8.54 34.01
CA GLU B 42 7.11 8.02 35.35
C GLU B 42 6.63 6.57 35.38
N SER B 43 7.29 5.76 36.20
CA SER B 43 6.95 4.35 36.36
C SER B 43 6.80 3.58 35.04
N ALA B 44 7.48 4.03 33.99
CA ALA B 44 7.36 3.34 32.71
C ALA B 44 8.64 3.28 31.89
N MET B 45 9.41 4.36 31.89
CA MET B 45 10.64 4.35 31.09
C MET B 45 11.73 5.26 31.62
N SER B 46 12.96 4.74 31.55
CA SER B 46 14.15 5.46 31.95
C SER B 46 15.18 5.21 30.86
N VAL B 47 16.19 6.07 30.78
CA VAL B 47 17.24 5.92 29.79
C VAL B 47 18.57 6.00 30.51
N VAL B 48 19.59 5.34 29.96
CA VAL B 48 20.91 5.37 30.58
C VAL B 48 21.89 5.94 29.57
N GLU B 49 22.85 6.72 30.06
CA GLU B 49 23.84 7.34 29.17
C GLU B 49 24.97 6.35 28.87
N VAL B 50 25.12 6.05 27.59
CA VAL B 50 26.11 5.08 27.15
C VAL B 50 27.14 5.67 26.20
N GLU B 51 28.41 5.39 26.49
CA GLU B 51 29.52 5.83 25.65
C GLU B 51 29.69 4.75 24.58
N LEU B 52 29.69 5.16 23.31
CA LEU B 52 29.84 4.23 22.19
C LEU B 52 31.08 4.56 21.36
N GLN B 53 31.54 3.58 20.59
CA GLN B 53 32.67 3.75 19.70
C GLN B 53 32.12 4.08 18.32
N VAL B 54 32.80 4.96 17.61
CA VAL B 54 32.38 5.31 16.25
C VAL B 54 32.48 4.04 15.42
N GLU B 55 33.56 3.29 15.65
CA GLU B 55 33.76 2.04 14.92
C GLU B 55 34.09 0.92 15.89
N ASN B 56 33.30 -0.15 15.84
CA ASN B 56 33.52 -1.29 16.71
C ASN B 56 34.50 -2.23 16.05
N THR B 57 35.47 -2.70 16.83
CA THR B 57 36.49 -3.60 16.33
C THR B 57 36.52 -4.83 17.20
N GLY B 58 37.27 -5.84 16.76
CA GLY B 58 37.35 -7.06 17.54
C GLY B 58 37.55 -8.22 16.61
N ILE B 59 37.69 -9.42 17.17
CA ILE B 59 37.93 -10.60 16.35
C ILE B 59 36.72 -11.50 16.17
N HIS B 60 35.58 -11.11 16.74
CA HIS B 60 34.36 -11.92 16.60
C HIS B 60 33.30 -11.20 15.80
N GLU B 61 32.31 -11.96 15.35
CA GLU B 61 31.22 -11.35 14.62
C GLU B 61 29.94 -12.10 14.87
N PHE B 62 28.82 -11.41 14.70
CA PHE B 62 27.50 -12.01 14.85
C PHE B 62 26.62 -11.31 13.84
N LYS B 63 25.88 -12.09 13.06
CA LYS B 63 24.99 -11.55 12.05
C LYS B 63 23.55 -11.84 12.44
N THR B 64 22.67 -10.88 12.14
CA THR B 64 21.26 -11.03 12.46
C THR B 64 20.44 -10.00 11.69
N ASP B 65 19.12 -10.15 11.71
CA ASP B 65 18.21 -9.24 11.02
C ASP B 65 17.57 -8.30 12.04
N VAL B 66 17.44 -7.02 11.69
CA VAL B 66 16.79 -6.05 12.56
C VAL B 66 15.80 -5.23 11.71
N LEU B 67 14.92 -4.45 12.34
CA LEU B 67 13.95 -3.65 11.59
C LEU B 67 14.66 -2.58 10.78
N ALA B 68 14.20 -2.37 9.55
CA ALA B 68 14.82 -1.37 8.67
C ALA B 68 13.83 -0.28 8.26
N GLY B 69 12.57 -0.48 8.60
CA GLY B 69 11.52 0.45 8.22
C GLY B 69 11.06 -0.08 6.87
N PRO B 70 9.97 0.42 6.31
CA PRO B 70 9.56 -0.11 5.01
C PRO B 70 10.58 0.37 3.95
N LEU B 71 11.07 -0.53 3.10
CA LEU B 71 12.03 -0.18 2.05
C LEU B 71 11.35 -0.43 0.72
N TRP B 72 11.46 0.50 -0.23
CA TRP B 72 10.77 0.35 -1.52
C TRP B 72 11.28 -0.74 -2.49
N SER B 73 12.58 -0.99 -2.49
CA SER B 73 13.17 -1.95 -3.41
C SER B 73 14.57 -2.31 -2.96
N ASN B 74 15.19 -3.27 -3.65
CA ASN B 74 16.53 -3.71 -3.33
C ASN B 74 17.50 -2.55 -3.54
N ASP B 75 17.33 -1.82 -4.63
CA ASP B 75 18.21 -0.70 -4.89
C ASP B 75 18.14 0.34 -3.77
N GLU B 76 16.96 0.59 -3.21
CA GLU B 76 16.92 1.57 -2.12
C GLU B 76 17.59 0.94 -0.88
N ALA B 77 17.32 -0.35 -0.65
CA ALA B 77 17.92 -1.04 0.49
C ALA B 77 19.45 -0.96 0.42
N GLN B 78 20.02 -1.13 -0.78
CA GLN B 78 21.48 -1.06 -0.92
C GLN B 78 22.01 0.34 -0.64
N LYS B 79 21.21 1.34 -0.97
CA LYS B 79 21.57 2.73 -0.72
C LYS B 79 21.49 3.09 0.75
N LEU B 80 20.35 2.79 1.38
CA LEU B 80 20.10 3.13 2.78
C LEU B 80 20.59 2.15 3.83
N GLY B 81 20.81 0.89 3.42
CA GLY B 81 21.24 -0.13 4.37
C GLY B 81 22.40 0.23 5.26
N PRO B 82 23.50 0.76 4.71
CA PRO B 82 24.65 1.14 5.54
C PRO B 82 24.30 2.09 6.69
N GLN B 83 23.53 3.13 6.41
CA GLN B 83 23.15 4.09 7.45
C GLN B 83 22.19 3.49 8.48
N ILE B 84 21.23 2.70 8.03
CA ILE B 84 20.30 2.07 8.96
C ILE B 84 21.12 1.14 9.88
N ALA B 85 22.07 0.41 9.30
CA ALA B 85 22.91 -0.49 10.08
C ALA B 85 23.75 0.30 11.07
N ALA B 86 24.26 1.44 10.64
CA ALA B 86 25.07 2.26 11.53
C ALA B 86 24.23 2.71 12.74
N SER B 87 22.90 2.82 12.56
CA SER B 87 22.05 3.24 13.67
C SER B 87 21.91 2.11 14.71
N TYR B 88 22.40 0.94 14.36
CA TYR B 88 22.39 -0.21 15.26
C TYR B 88 23.83 -0.48 15.71
N GLY B 89 24.77 0.39 15.33
CA GLY B 89 26.16 0.19 15.70
C GLY B 89 26.73 -1.04 14.97
N ALA B 90 26.32 -1.23 13.73
CA ALA B 90 26.76 -2.40 12.96
C ALA B 90 26.93 -2.10 11.48
N GLU B 91 27.31 -3.11 10.72
CA GLU B 91 27.46 -2.96 9.28
C GLU B 91 26.32 -3.68 8.57
N PHE B 92 26.03 -3.23 7.35
CA PHE B 92 24.98 -3.82 6.53
C PHE B 92 25.66 -4.90 5.66
N THR B 93 25.06 -6.10 5.57
CA THR B 93 25.67 -7.16 4.77
C THR B 93 25.17 -7.17 3.34
N GLY B 94 24.12 -6.40 3.05
CA GLY B 94 23.53 -6.37 1.72
C GLY B 94 22.24 -7.17 1.59
N GLN B 95 22.00 -8.07 2.54
CA GLN B 95 20.79 -8.90 2.51
C GLN B 95 19.64 -8.18 3.23
N TRP B 96 18.43 -8.28 2.68
CA TRP B 96 17.28 -7.65 3.30
C TRP B 96 16.01 -8.21 2.66
N ARG B 97 14.89 -8.07 3.37
CA ARG B 97 13.61 -8.49 2.85
C ARG B 97 12.50 -7.72 3.53
N THR B 98 11.38 -7.60 2.83
CA THR B 98 10.21 -6.92 3.34
C THR B 98 9.41 -8.02 4.04
N ILE B 99 8.88 -7.72 5.23
CA ILE B 99 8.13 -8.74 5.95
C ILE B 99 6.63 -8.45 6.00
N VAL B 100 6.26 -7.20 5.75
CA VAL B 100 4.86 -6.82 5.69
C VAL B 100 4.78 -5.74 4.62
N GLU B 101 4.21 -6.09 3.47
CA GLU B 101 4.11 -5.16 2.36
C GLU B 101 3.58 -3.79 2.79
N GLY B 102 4.27 -2.76 2.32
CA GLY B 102 3.88 -1.40 2.64
C GLY B 102 4.07 -0.97 4.08
N VAL B 103 4.57 -1.87 4.94
CA VAL B 103 4.73 -1.52 6.33
C VAL B 103 6.12 -1.70 6.94
N MET B 104 6.77 -2.82 6.64
CA MET B 104 8.07 -3.05 7.28
C MET B 104 9.00 -4.00 6.55
N SER B 105 10.29 -3.70 6.63
CA SER B 105 11.31 -4.52 6.01
C SER B 105 12.37 -4.71 7.08
N VAL B 106 13.26 -5.67 6.84
CA VAL B 106 14.36 -5.94 7.77
C VAL B 106 15.62 -6.06 6.95
N ILE B 107 16.76 -5.79 7.57
CA ILE B 107 18.04 -5.92 6.90
C ILE B 107 18.92 -6.80 7.77
N GLN B 108 19.85 -7.52 7.15
CA GLN B 108 20.79 -8.32 7.92
C GLN B 108 21.98 -7.40 8.22
N ILE B 109 22.43 -7.38 9.47
CA ILE B 109 23.54 -6.54 9.85
C ILE B 109 24.62 -7.43 10.43
N LYS B 110 25.81 -6.89 10.53
CA LYS B 110 26.93 -7.64 11.09
C LYS B 110 27.56 -6.86 12.20
N TYR B 111 27.64 -7.49 13.38
CA TYR B 111 28.25 -6.87 14.55
C TYR B 111 29.66 -7.39 14.63
N THR B 112 30.59 -6.52 15.01
CA THR B 112 31.99 -6.91 15.21
C THR B 112 32.30 -6.57 16.66
N PHE B 113 32.83 -7.53 17.41
CA PHE B 113 33.15 -7.30 18.82
C PHE B 113 34.28 -8.23 19.28
N ALA C 1 -9.57 19.01 -28.34
CA ALA C 1 -10.09 17.62 -28.33
C ALA C 1 -11.60 17.63 -28.12
N SER C 2 -12.26 16.55 -28.50
CA SER C 2 -13.71 16.46 -28.33
C SER C 2 -14.11 15.10 -27.76
N TYR C 3 -15.37 14.97 -27.36
CA TYR C 3 -15.88 13.72 -26.82
C TYR C 3 -17.39 13.73 -27.03
N LYS C 4 -18.03 12.58 -26.84
CA LYS C 4 -19.47 12.49 -27.05
C LYS C 4 -20.22 11.99 -25.82
N VAL C 5 -21.43 12.50 -25.67
CA VAL C 5 -22.34 12.09 -24.59
C VAL C 5 -23.74 12.23 -25.16
N ASN C 6 -24.69 11.54 -24.55
CA ASN C 6 -26.08 11.64 -24.97
C ASN C 6 -26.68 12.77 -24.12
N ILE C 7 -27.51 13.59 -24.75
CA ILE C 7 -28.15 14.69 -24.04
C ILE C 7 -29.67 14.49 -24.18
N PRO C 8 -30.42 14.70 -23.08
CA PRO C 8 -31.87 14.53 -23.12
C PRO C 8 -32.48 15.49 -24.14
N ALA C 9 -33.57 15.04 -24.78
CA ALA C 9 -34.24 15.87 -25.78
C ALA C 9 -35.76 15.79 -25.63
N GLY C 10 -36.23 15.14 -24.58
CA GLY C 10 -37.64 14.96 -24.43
C GLY C 10 -37.92 13.80 -25.38
N PRO C 11 -39.19 13.43 -25.58
CA PRO C 11 -39.46 12.32 -26.49
C PRO C 11 -39.25 12.72 -27.95
N LEU C 12 -38.56 11.86 -28.71
CA LEU C 12 -38.38 12.09 -30.13
C LEU C 12 -39.15 10.91 -30.72
N TRP C 13 -40.18 11.24 -31.49
CA TRP C 13 -41.07 10.21 -32.03
C TRP C 13 -40.65 9.47 -33.28
N SER C 14 -39.71 10.01 -34.04
CA SER C 14 -39.26 9.31 -35.25
C SER C 14 -37.90 9.86 -35.63
N ASN C 15 -37.22 9.19 -36.56
CA ASN C 15 -35.90 9.66 -36.97
C ASN C 15 -36.00 10.99 -37.67
N ALA C 16 -37.05 11.17 -38.47
CA ALA C 16 -37.21 12.43 -39.19
C ALA C 16 -37.27 13.59 -38.18
N GLU C 17 -37.92 13.37 -37.04
CA GLU C 17 -38.00 14.45 -36.04
C GLU C 17 -36.65 14.63 -35.35
N ALA C 18 -35.99 13.51 -35.06
CA ALA C 18 -34.69 13.55 -34.40
C ALA C 18 -33.66 14.27 -35.25
N GLN C 19 -33.72 14.11 -36.57
CA GLN C 19 -32.74 14.77 -37.41
C GLN C 19 -32.99 16.29 -37.47
N GLN C 20 -34.22 16.71 -37.17
CA GLN C 20 -34.51 18.14 -37.15
C GLN C 20 -34.16 18.73 -35.79
N VAL C 21 -34.46 17.99 -34.73
CA VAL C 21 -34.22 18.43 -33.36
C VAL C 21 -32.81 18.24 -32.81
N GLY C 22 -32.20 17.11 -33.14
CA GLY C 22 -30.84 16.84 -32.67
C GLY C 22 -29.88 18.01 -32.82
N PRO C 23 -29.81 18.65 -34.01
CA PRO C 23 -28.90 19.78 -34.22
C PRO C 23 -29.17 20.97 -33.33
N LYS C 24 -30.43 21.17 -32.97
CA LYS C 24 -30.83 22.28 -32.13
C LYS C 24 -30.42 22.03 -30.69
N ILE C 25 -30.57 20.79 -30.24
CA ILE C 25 -30.18 20.44 -28.88
C ILE C 25 -28.65 20.57 -28.80
N ALA C 26 -27.97 20.07 -29.83
CA ALA C 26 -26.51 20.13 -29.87
C ALA C 26 -26.02 21.57 -29.81
N ALA C 27 -26.65 22.43 -30.61
CA ALA C 27 -26.27 23.82 -30.66
C ALA C 27 -26.42 24.50 -29.30
N ALA C 28 -27.49 24.17 -28.58
CA ALA C 28 -27.72 24.76 -27.27
C ALA C 28 -26.64 24.34 -26.27
N HIS C 29 -25.97 23.23 -26.56
CA HIS C 29 -24.92 22.75 -25.68
C HIS C 29 -23.52 22.87 -26.29
N GLN C 30 -23.40 23.78 -27.25
CA GLN C 30 -22.14 24.05 -27.92
C GLN C 30 -21.48 22.82 -28.53
N GLY C 31 -22.29 21.95 -29.12
CA GLY C 31 -21.74 20.77 -29.74
C GLY C 31 -22.30 20.49 -31.12
N ASN C 32 -21.99 19.31 -31.64
CA ASN C 32 -22.46 18.93 -32.96
C ASN C 32 -23.21 17.62 -32.86
N PHE C 33 -24.44 17.63 -33.36
CA PHE C 33 -25.27 16.44 -33.34
C PHE C 33 -24.58 15.43 -34.25
N THR C 34 -24.41 14.20 -33.77
CA THR C 34 -23.76 13.17 -34.59
C THR C 34 -24.72 12.42 -35.49
N GLY C 35 -26.02 12.66 -35.28
CA GLY C 35 -27.03 11.96 -36.07
C GLY C 35 -27.54 10.74 -35.31
N GLN C 36 -26.79 10.32 -34.30
CA GLN C 36 -27.18 9.16 -33.49
C GLN C 36 -28.09 9.57 -32.34
N TRP C 37 -29.08 8.71 -32.06
CA TRP C 37 -30.02 8.99 -30.98
C TRP C 37 -30.69 7.71 -30.50
N THR C 38 -31.25 7.77 -29.29
CA THR C 38 -31.88 6.62 -28.67
C THR C 38 -33.08 7.06 -27.85
N THR C 39 -34.13 6.24 -27.84
CA THR C 39 -35.28 6.54 -26.99
C THR C 39 -35.02 5.69 -25.74
N VAL C 40 -34.93 6.35 -24.58
CA VAL C 40 -34.62 5.64 -23.36
C VAL C 40 -35.83 5.31 -22.51
N VAL C 41 -36.92 6.04 -22.72
CA VAL C 41 -38.16 5.77 -22.03
C VAL C 41 -39.22 5.87 -23.11
N GLU C 42 -39.83 4.74 -23.46
CA GLU C 42 -40.85 4.73 -24.52
C GLU C 42 -41.90 5.83 -24.37
N SER C 43 -42.08 6.61 -25.44
CA SER C 43 -43.07 7.68 -25.47
C SER C 43 -42.86 8.78 -24.42
N ALA C 44 -41.65 8.88 -23.87
CA ALA C 44 -41.43 9.90 -22.86
C ALA C 44 -40.06 10.56 -22.86
N MET C 45 -39.03 9.83 -23.24
CA MET C 45 -37.70 10.44 -23.25
C MET C 45 -36.77 9.82 -24.26
N SER C 46 -36.08 10.69 -25.00
CA SER C 46 -35.11 10.28 -26.00
C SER C 46 -33.85 11.10 -25.76
N VAL C 47 -32.71 10.60 -26.21
CA VAL C 47 -31.45 11.32 -26.05
C VAL C 47 -30.78 11.36 -27.41
N VAL C 48 -30.06 12.43 -27.66
CA VAL C 48 -29.35 12.59 -28.92
C VAL C 48 -27.85 12.68 -28.59
N GLU C 49 -27.02 12.08 -29.44
CA GLU C 49 -25.59 12.07 -29.19
C GLU C 49 -24.98 13.35 -29.70
N VAL C 50 -24.25 14.02 -28.82
CA VAL C 50 -23.64 15.30 -29.14
C VAL C 50 -22.15 15.27 -28.91
N GLU C 51 -21.41 15.76 -29.88
CA GLU C 51 -19.95 15.83 -29.76
C GLU C 51 -19.67 17.18 -29.13
N LEU C 52 -18.97 17.17 -27.99
CA LEU C 52 -18.63 18.40 -27.27
C LEU C 52 -17.13 18.65 -27.28
N GLN C 53 -16.73 19.89 -27.06
CA GLN C 53 -15.31 20.26 -27.02
C GLN C 53 -14.85 20.17 -25.58
N VAL C 54 -13.64 19.69 -25.36
CA VAL C 54 -13.14 19.61 -24.00
C VAL C 54 -13.14 21.03 -23.44
N GLU C 55 -12.71 21.98 -24.26
CA GLU C 55 -12.68 23.37 -23.84
C GLU C 55 -13.38 24.26 -24.87
N ASN C 56 -14.36 25.04 -24.41
CA ASN C 56 -15.10 25.94 -25.28
C ASN C 56 -14.39 27.27 -25.38
N THR C 57 -14.15 27.70 -26.60
CA THR C 57 -13.46 28.96 -26.81
C THR C 57 -14.36 29.88 -27.63
N GLY C 58 -14.01 31.17 -27.66
CA GLY C 58 -14.80 32.12 -28.39
C GLY C 58 -14.56 33.50 -27.83
N ILE C 59 -15.16 34.52 -28.43
CA ILE C 59 -14.98 35.89 -27.96
C ILE C 59 -16.17 36.41 -27.18
N HIS C 60 -17.19 35.58 -27.04
CA HIS C 60 -18.39 35.96 -26.29
C HIS C 60 -18.49 35.17 -24.99
N GLU C 61 -19.21 35.73 -24.03
CA GLU C 61 -19.43 35.05 -22.78
C GLU C 61 -20.81 35.38 -22.25
N PHE C 62 -21.36 34.46 -21.46
CA PHE C 62 -22.67 34.65 -20.89
C PHE C 62 -22.67 34.05 -19.49
N LYS C 63 -23.03 34.86 -18.51
CA LYS C 63 -23.07 34.39 -17.13
C LYS C 63 -24.50 34.13 -16.69
N THR C 64 -24.71 33.04 -15.99
CA THR C 64 -26.05 32.73 -15.50
C THR C 64 -25.90 31.78 -14.30
N ASP C 65 -26.99 31.59 -13.55
CA ASP C 65 -26.97 30.71 -12.40
C ASP C 65 -27.65 29.39 -12.77
N VAL C 66 -27.10 28.29 -12.30
CA VAL C 66 -27.67 26.97 -12.56
C VAL C 66 -27.64 26.17 -11.26
N LEU C 67 -28.44 25.11 -11.20
CA LEU C 67 -28.50 24.28 -9.99
C LEU C 67 -27.13 23.70 -9.70
N ALA C 68 -26.77 23.62 -8.42
CA ALA C 68 -25.46 23.07 -8.02
C ALA C 68 -25.62 22.00 -6.95
N GLY C 69 -26.85 21.65 -6.64
CA GLY C 69 -27.07 20.70 -5.56
C GLY C 69 -26.90 21.49 -4.26
N PRO C 70 -27.08 20.87 -3.09
CA PRO C 70 -26.91 21.63 -1.86
C PRO C 70 -25.42 21.92 -1.63
N LEU C 71 -25.12 23.15 -1.25
CA LEU C 71 -23.75 23.57 -0.95
C LEU C 71 -23.88 24.28 0.39
N TRP C 72 -23.18 23.75 1.39
CA TRP C 72 -23.24 24.23 2.76
C TRP C 72 -22.33 25.36 3.22
N SER C 73 -21.30 25.68 2.45
CA SER C 73 -20.40 26.75 2.85
C SER C 73 -19.66 27.26 1.63
N ASN C 74 -19.09 28.45 1.75
CA ASN C 74 -18.33 29.02 0.66
C ASN C 74 -17.17 28.09 0.33
N ASP C 75 -16.51 27.58 1.38
CA ASP C 75 -15.38 26.67 1.17
C ASP C 75 -15.77 25.46 0.32
N GLU C 76 -16.93 24.88 0.61
CA GLU C 76 -17.37 23.74 -0.17
C GLU C 76 -17.71 24.20 -1.60
N ALA C 77 -18.36 25.34 -1.71
CA ALA C 77 -18.73 25.87 -3.01
C ALA C 77 -17.49 26.20 -3.85
N GLN C 78 -16.45 26.74 -3.22
CA GLN C 78 -15.24 27.05 -3.99
C GLN C 78 -14.50 25.78 -4.43
N LYS C 79 -14.63 24.70 -3.65
CA LYS C 79 -13.96 23.45 -3.99
C LYS C 79 -14.68 22.67 -5.08
N LEU C 80 -16.01 22.58 -5.00
CA LEU C 80 -16.79 21.83 -6.00
C LEU C 80 -17.26 22.62 -7.21
N GLY C 81 -17.34 23.94 -7.06
CA GLY C 81 -17.78 24.80 -8.15
C GLY C 81 -17.20 24.54 -9.53
N PRO C 82 -15.87 24.46 -9.67
CA PRO C 82 -15.27 24.21 -10.98
C PRO C 82 -15.76 22.94 -11.67
N GLN C 83 -15.84 21.84 -10.94
CA GLN C 83 -16.32 20.59 -11.54
C GLN C 83 -17.82 20.65 -11.81
N ILE C 84 -18.57 21.31 -10.94
CA ILE C 84 -20.00 21.41 -11.19
C ILE C 84 -20.20 22.22 -12.48
N ALA C 85 -19.41 23.28 -12.63
CA ALA C 85 -19.53 24.12 -13.83
C ALA C 85 -19.12 23.31 -15.06
N ALA C 86 -18.06 22.52 -14.92
CA ALA C 86 -17.59 21.69 -16.03
C ALA C 86 -18.73 20.80 -16.51
N SER C 87 -19.57 20.32 -15.60
CA SER C 87 -20.67 19.45 -16.00
C SER C 87 -21.72 20.15 -16.85
N TYR C 88 -21.66 21.49 -16.88
CA TYR C 88 -22.56 22.29 -17.69
C TYR C 88 -21.82 22.83 -18.92
N GLY C 89 -20.58 22.38 -19.10
CA GLY C 89 -19.76 22.82 -20.23
C GLY C 89 -19.35 24.28 -20.08
N ALA C 90 -19.18 24.71 -18.83
CA ALA C 90 -18.84 26.10 -18.53
C ALA C 90 -17.81 26.23 -17.41
N GLU C 91 -17.49 27.48 -17.07
CA GLU C 91 -16.55 27.78 -15.99
C GLU C 91 -17.31 28.35 -14.80
N PHE C 92 -16.76 28.13 -13.59
CA PHE C 92 -17.33 28.65 -12.35
C PHE C 92 -16.71 30.03 -12.09
N THR C 93 -17.54 31.05 -11.92
CA THR C 93 -17.06 32.42 -11.68
C THR C 93 -16.61 32.65 -10.24
N GLY C 94 -17.14 31.87 -9.31
CA GLY C 94 -16.79 32.04 -7.91
C GLY C 94 -18.01 32.50 -7.13
N GLN C 95 -19.01 32.97 -7.84
CA GLN C 95 -20.23 33.44 -7.18
C GLN C 95 -21.22 32.28 -7.08
N TRP C 96 -21.95 32.23 -5.96
CA TRP C 96 -22.93 31.18 -5.71
C TRP C 96 -23.79 31.54 -4.52
N ARG C 97 -24.91 30.85 -4.35
CA ARG C 97 -25.77 31.07 -3.20
C ARG C 97 -26.76 29.93 -3.03
N THR C 98 -27.19 29.72 -1.79
CA THR C 98 -28.18 28.71 -1.48
C THR C 98 -29.53 29.35 -1.81
N ILE C 99 -30.40 28.64 -2.52
CA ILE C 99 -31.71 29.22 -2.84
C ILE C 99 -32.83 28.64 -1.99
N VAL C 100 -32.60 27.47 -1.42
CA VAL C 100 -33.56 26.86 -0.51
C VAL C 100 -32.74 26.23 0.61
N GLU C 101 -32.82 26.82 1.79
CA GLU C 101 -32.06 26.33 2.93
C GLU C 101 -32.14 24.82 3.11
N GLY C 102 -30.96 24.23 3.30
CA GLY C 102 -30.85 22.81 3.52
C GLY C 102 -31.23 21.94 2.34
N VAL C 103 -31.51 22.56 1.19
CA VAL C 103 -31.95 21.78 0.04
C VAL C 103 -31.19 22.01 -1.26
N MET C 104 -31.13 23.25 -1.71
CA MET C 104 -30.51 23.54 -2.99
C MET C 104 -29.78 24.87 -3.07
N SER C 105 -28.69 24.90 -3.84
CA SER C 105 -27.93 26.11 -4.05
C SER C 105 -27.70 26.20 -5.54
N VAL C 106 -27.17 27.34 -5.99
CA VAL C 106 -26.88 27.54 -7.39
C VAL C 106 -25.51 28.18 -7.50
N ILE C 107 -24.83 27.93 -8.61
CA ILE C 107 -23.54 28.54 -8.84
C ILE C 107 -23.67 29.38 -10.10
N GLN C 108 -22.85 30.42 -10.19
CA GLN C 108 -22.85 31.26 -11.38
C GLN C 108 -21.81 30.67 -12.31
N ILE C 109 -22.22 30.37 -13.53
CA ILE C 109 -21.29 29.81 -14.50
C ILE C 109 -21.10 30.83 -15.60
N LYS C 110 -20.00 30.69 -16.33
CA LYS C 110 -19.72 31.57 -17.44
C LYS C 110 -19.48 30.71 -18.65
N TYR C 111 -20.33 30.89 -19.66
CA TYR C 111 -20.21 30.18 -20.91
C TYR C 111 -19.31 31.04 -21.78
N THR C 112 -18.49 30.40 -22.62
CA THR C 112 -17.65 31.12 -23.58
C THR C 112 -18.02 30.53 -24.93
N PHE C 113 -18.41 31.38 -25.89
CA PHE C 113 -18.80 30.88 -27.21
C PHE C 113 -18.48 31.85 -28.36
N ALA D 1 -40.62 7.37 -14.14
CA ALA D 1 -39.63 6.60 -14.95
C ALA D 1 -38.30 7.32 -14.93
N SER D 2 -37.22 6.59 -15.10
CA SER D 2 -35.90 7.22 -15.08
C SER D 2 -35.09 6.71 -16.26
N TYR D 3 -33.93 7.33 -16.47
CA TYR D 3 -33.03 6.95 -17.55
C TYR D 3 -31.64 7.40 -17.14
N LYS D 4 -30.62 6.92 -17.85
CA LYS D 4 -29.25 7.29 -17.53
C LYS D 4 -28.53 7.94 -18.70
N VAL D 5 -27.67 8.91 -18.40
CA VAL D 5 -26.85 9.56 -19.42
C VAL D 5 -25.50 9.80 -18.75
N ASN D 6 -24.49 10.08 -19.56
CA ASN D 6 -23.16 10.39 -19.05
C ASN D 6 -23.06 11.91 -19.07
N ILE D 7 -22.62 12.49 -17.95
CA ILE D 7 -22.48 13.93 -17.81
C ILE D 7 -21.01 14.30 -17.63
N PRO D 8 -20.53 15.32 -18.35
CA PRO D 8 -19.11 15.73 -18.22
C PRO D 8 -18.75 16.03 -16.77
N ALA D 9 -17.55 15.64 -16.36
CA ALA D 9 -17.14 15.88 -14.98
C ALA D 9 -15.75 16.52 -14.90
N GLY D 10 -15.15 16.79 -16.05
CA GLY D 10 -13.80 17.33 -16.11
C GLY D 10 -12.94 16.07 -15.98
N PRO D 11 -11.60 16.16 -16.04
CA PRO D 11 -10.84 14.90 -15.91
C PRO D 11 -10.93 14.33 -14.49
N LEU D 12 -11.10 13.01 -14.36
CA LEU D 12 -11.15 12.34 -13.06
C LEU D 12 -9.94 11.41 -13.03
N TRP D 13 -9.03 11.69 -12.11
CA TRP D 13 -7.77 10.98 -12.01
C TRP D 13 -7.65 9.69 -11.22
N SER D 14 -8.77 9.23 -10.64
CA SER D 14 -8.77 8.00 -9.88
C SER D 14 -10.20 7.65 -9.58
N ASN D 15 -10.46 6.38 -9.31
CA ASN D 15 -11.81 5.95 -8.99
C ASN D 15 -12.28 6.61 -7.68
N ALA D 16 -11.35 6.83 -6.75
CA ALA D 16 -11.73 7.46 -5.48
C ALA D 16 -12.24 8.87 -5.75
N GLU D 17 -11.60 9.59 -6.65
CA GLU D 17 -12.05 10.94 -6.96
C GLU D 17 -13.42 10.86 -7.62
N ALA D 18 -13.54 9.98 -8.62
CA ALA D 18 -14.80 9.82 -9.32
C ALA D 18 -15.93 9.47 -8.37
N GLN D 19 -15.68 8.64 -7.35
CA GLN D 19 -16.76 8.28 -6.43
C GLN D 19 -17.13 9.46 -5.54
N GLN D 20 -16.24 10.43 -5.41
CA GLN D 20 -16.53 11.61 -4.60
C GLN D 20 -17.20 12.70 -5.42
N VAL D 21 -16.74 12.86 -6.66
CA VAL D 21 -17.28 13.90 -7.55
C VAL D 21 -18.63 13.50 -8.15
N GLY D 22 -18.75 12.22 -8.50
CA GLY D 22 -19.96 11.70 -9.13
C GLY D 22 -21.24 12.16 -8.47
N PRO D 23 -21.43 11.88 -7.17
CA PRO D 23 -22.66 12.28 -6.46
C PRO D 23 -22.92 13.78 -6.53
N LYS D 24 -21.86 14.59 -6.46
CA LYS D 24 -22.01 16.03 -6.49
C LYS D 24 -22.47 16.51 -7.85
N ILE D 25 -21.95 15.92 -8.93
CA ILE D 25 -22.40 16.30 -10.27
C ILE D 25 -23.84 15.84 -10.41
N ALA D 26 -24.14 14.64 -9.91
CA ALA D 26 -25.50 14.12 -10.00
C ALA D 26 -26.48 15.02 -9.27
N ALA D 27 -26.10 15.46 -8.06
CA ALA D 27 -26.98 16.33 -7.28
C ALA D 27 -27.28 17.60 -8.06
N ALA D 28 -26.26 18.15 -8.69
CA ALA D 28 -26.40 19.38 -9.48
C ALA D 28 -27.33 19.19 -10.67
N HIS D 29 -27.47 17.96 -11.13
CA HIS D 29 -28.37 17.70 -12.25
C HIS D 29 -29.60 16.91 -11.86
N GLN D 30 -29.95 17.00 -10.58
CA GLN D 30 -31.14 16.34 -10.04
C GLN D 30 -31.21 14.85 -10.33
N GLY D 31 -30.07 14.18 -10.23
CA GLY D 31 -30.02 12.75 -10.47
C GLY D 31 -29.28 12.02 -9.38
N ASN D 32 -29.03 10.74 -9.61
CA ASN D 32 -28.31 9.91 -8.66
C ASN D 32 -27.16 9.27 -9.41
N PHE D 33 -25.94 9.43 -8.90
CA PHE D 33 -24.75 8.86 -9.52
C PHE D 33 -24.85 7.34 -9.42
N THR D 34 -24.62 6.64 -10.54
CA THR D 34 -24.72 5.19 -10.55
C THR D 34 -23.44 4.49 -10.09
N GLY D 35 -22.34 5.25 -9.99
CA GLY D 35 -21.09 4.64 -9.60
C GLY D 35 -20.18 4.41 -10.82
N GLN D 36 -20.78 4.43 -12.01
CA GLN D 36 -20.00 4.23 -13.23
C GLN D 36 -19.52 5.55 -13.82
N TRP D 37 -18.32 5.53 -14.35
CA TRP D 37 -17.74 6.72 -14.96
C TRP D 37 -16.74 6.26 -15.99
N THR D 38 -16.36 7.16 -16.88
CA THR D 38 -15.44 6.82 -17.93
C THR D 38 -14.59 8.01 -18.35
N THR D 39 -13.33 7.76 -18.67
CA THR D 39 -12.48 8.83 -19.17
C THR D 39 -12.67 8.79 -20.67
N VAL D 40 -13.10 9.90 -21.26
CA VAL D 40 -13.34 9.96 -22.69
C VAL D 40 -12.21 10.64 -23.46
N VAL D 41 -11.43 11.45 -22.76
CA VAL D 41 -10.26 12.09 -23.37
C VAL D 41 -9.16 12.02 -22.33
N GLU D 42 -8.16 11.19 -22.59
CA GLU D 42 -7.07 11.00 -21.64
C GLU D 42 -6.48 12.28 -21.07
N SER D 43 -6.40 12.32 -19.74
CA SER D 43 -5.84 13.45 -19.02
C SER D 43 -6.57 14.76 -19.30
N ALA D 44 -7.80 14.70 -19.79
CA ALA D 44 -8.49 15.94 -20.08
C ALA D 44 -9.98 15.95 -19.83
N MET D 45 -10.63 14.81 -19.97
CA MET D 45 -12.08 14.78 -19.74
C MET D 45 -12.62 13.43 -19.38
N SER D 46 -13.43 13.41 -18.33
CA SER D 46 -14.06 12.21 -17.87
C SER D 46 -15.55 12.51 -17.74
N VAL D 47 -16.34 11.44 -17.70
CA VAL D 47 -17.77 11.56 -17.59
C VAL D 47 -18.31 10.66 -16.49
N VAL D 48 -19.42 11.06 -15.85
CA VAL D 48 -20.03 10.25 -14.81
C VAL D 48 -21.45 9.86 -15.21
N GLU D 49 -21.81 8.61 -14.95
CA GLU D 49 -23.14 8.14 -15.31
C GLU D 49 -24.14 8.54 -14.24
N VAL D 50 -25.18 9.24 -14.67
CA VAL D 50 -26.21 9.75 -13.77
C VAL D 50 -27.61 9.32 -14.14
N GLU D 51 -28.36 8.81 -13.17
CA GLU D 51 -29.75 8.41 -13.43
C GLU D 51 -30.64 9.64 -13.21
N LEU D 52 -31.41 10.01 -14.24
CA LEU D 52 -32.28 11.17 -14.18
C LEU D 52 -33.74 10.76 -14.22
N GLN D 53 -34.62 11.66 -13.79
CA GLN D 53 -36.05 11.39 -13.83
C GLN D 53 -36.59 11.99 -15.12
N VAL D 54 -37.62 11.35 -15.69
CA VAL D 54 -38.21 11.89 -16.92
C VAL D 54 -38.88 13.21 -16.54
N GLU D 55 -39.52 13.22 -15.38
CA GLU D 55 -40.17 14.45 -14.90
C GLU D 55 -39.72 14.75 -13.47
N ASN D 56 -39.14 15.92 -13.25
CA ASN D 56 -38.69 16.28 -11.92
C ASN D 56 -39.86 16.86 -11.16
N THR D 57 -40.06 16.43 -9.92
CA THR D 57 -41.17 16.95 -9.13
C THR D 57 -40.63 17.63 -7.87
N GLY D 58 -41.51 18.33 -7.16
CA GLY D 58 -41.09 19.02 -5.97
C GLY D 58 -41.92 20.27 -5.74
N ILE D 59 -41.73 20.90 -4.59
CA ILE D 59 -42.48 22.10 -4.24
C ILE D 59 -41.69 23.36 -4.50
N HIS D 60 -40.41 23.23 -4.84
CA HIS D 60 -39.59 24.42 -5.08
C HIS D 60 -39.27 24.61 -6.56
N GLU D 61 -38.92 25.84 -6.92
CA GLU D 61 -38.53 26.10 -8.30
C GLU D 61 -37.48 27.17 -8.37
N PHE D 62 -36.82 27.24 -9.52
CA PHE D 62 -35.79 28.24 -9.79
C PHE D 62 -35.78 28.51 -11.29
N LYS D 63 -35.89 29.78 -11.67
CA LYS D 63 -35.88 30.15 -13.07
C LYS D 63 -34.54 30.77 -13.44
N THR D 64 -34.06 30.47 -14.63
CA THR D 64 -32.80 31.03 -15.07
C THR D 64 -32.74 30.94 -16.59
N ASP D 65 -31.73 31.56 -17.18
CA ASP D 65 -31.56 31.52 -18.63
C ASP D 65 -30.36 30.65 -18.96
N VAL D 66 -30.44 29.90 -20.06
CA VAL D 66 -29.34 29.05 -20.49
C VAL D 66 -29.20 29.12 -22.01
N LEU D 67 -28.04 28.75 -22.52
CA LEU D 67 -27.81 28.79 -23.95
C LEU D 67 -28.84 27.97 -24.69
N ALA D 68 -29.35 28.53 -25.78
CA ALA D 68 -30.37 27.88 -26.62
C ALA D 68 -29.88 27.67 -28.04
N GLY D 69 -28.68 28.19 -28.33
CA GLY D 69 -28.18 28.09 -29.68
C GLY D 69 -28.87 29.25 -30.41
N PRO D 70 -28.54 29.50 -31.69
CA PRO D 70 -29.22 30.62 -32.33
C PRO D 70 -30.69 30.31 -32.64
N LEU D 71 -31.59 31.21 -32.24
CA LEU D 71 -33.02 31.04 -32.54
C LEU D 71 -33.39 32.18 -33.49
N TRP D 72 -33.88 31.82 -34.67
CA TRP D 72 -34.18 32.82 -35.70
C TRP D 72 -35.54 33.49 -35.75
N SER D 73 -36.50 33.00 -34.97
CA SER D 73 -37.83 33.60 -34.96
C SER D 73 -38.53 33.15 -33.68
N ASN D 74 -39.61 33.85 -33.31
CA ASN D 74 -40.32 33.46 -32.10
C ASN D 74 -40.96 32.11 -32.32
N ASP D 75 -41.36 31.83 -33.56
CA ASP D 75 -42.00 30.55 -33.87
C ASP D 75 -41.00 29.44 -33.63
N GLU D 76 -39.77 29.67 -34.04
CA GLU D 76 -38.73 28.67 -33.86
C GLU D 76 -38.52 28.47 -32.36
N ALA D 77 -38.49 29.58 -31.63
CA ALA D 77 -38.30 29.53 -30.18
C ALA D 77 -39.44 28.76 -29.48
N GLN D 78 -40.69 29.00 -29.90
CA GLN D 78 -41.81 28.30 -29.28
C GLN D 78 -41.78 26.82 -29.63
N LYS D 79 -41.40 26.50 -30.85
CA LYS D 79 -41.38 25.10 -31.26
C LYS D 79 -40.23 24.31 -30.64
N LEU D 80 -39.09 24.97 -30.43
CA LEU D 80 -37.91 24.30 -29.89
C LEU D 80 -37.67 24.45 -28.40
N GLY D 81 -38.16 25.54 -27.82
CA GLY D 81 -37.97 25.80 -26.41
C GLY D 81 -38.19 24.64 -25.47
N PRO D 82 -39.35 23.97 -25.53
CA PRO D 82 -39.60 22.84 -24.63
C PRO D 82 -38.54 21.74 -24.72
N GLN D 83 -38.10 21.43 -25.93
CA GLN D 83 -37.12 20.38 -26.11
C GLN D 83 -35.74 20.82 -25.63
N ILE D 84 -35.39 22.07 -25.90
CA ILE D 84 -34.11 22.57 -25.44
C ILE D 84 -34.13 22.60 -23.90
N ALA D 85 -35.26 23.03 -23.33
CA ALA D 85 -35.37 23.06 -21.87
C ALA D 85 -35.22 21.65 -21.32
N ALA D 86 -35.87 20.69 -21.97
CA ALA D 86 -35.79 19.30 -21.55
C ALA D 86 -34.33 18.84 -21.53
N SER D 87 -33.53 19.32 -22.48
CA SER D 87 -32.12 18.95 -22.55
C SER D 87 -31.31 19.44 -21.35
N TYR D 88 -31.92 20.31 -20.53
CA TYR D 88 -31.29 20.81 -19.31
C TYR D 88 -32.03 20.22 -18.10
N GLY D 89 -33.00 19.36 -18.35
CA GLY D 89 -33.76 18.78 -17.26
C GLY D 89 -34.69 19.80 -16.62
N ALA D 90 -35.24 20.68 -17.45
CA ALA D 90 -36.13 21.72 -16.95
C ALA D 90 -37.27 21.96 -17.93
N GLU D 91 -38.14 22.92 -17.61
CA GLU D 91 -39.24 23.24 -18.49
C GLU D 91 -39.05 24.65 -19.05
N PHE D 92 -39.60 24.87 -20.23
CA PHE D 92 -39.51 26.16 -20.91
C PHE D 92 -40.60 27.07 -20.39
N THR D 93 -40.25 28.30 -20.01
CA THR D 93 -41.26 29.22 -19.50
C THR D 93 -41.93 30.00 -20.63
N GLY D 94 -41.38 29.88 -21.83
CA GLY D 94 -41.91 30.61 -22.98
C GLY D 94 -41.11 31.86 -23.30
N GLN D 95 -40.30 32.31 -22.35
CA GLN D 95 -39.51 33.51 -22.54
C GLN D 95 -38.09 33.20 -23.01
N TRP D 96 -37.57 34.06 -23.89
CA TRP D 96 -36.25 33.84 -24.45
C TRP D 96 -35.78 35.12 -25.14
N ARG D 97 -34.53 35.13 -25.57
CA ARG D 97 -34.01 36.30 -26.27
C ARG D 97 -32.66 35.98 -26.89
N THR D 98 -32.30 36.73 -27.94
CA THR D 98 -31.02 36.55 -28.61
C THR D 98 -30.01 37.44 -27.90
N ILE D 99 -28.84 36.90 -27.57
CA ILE D 99 -27.84 37.70 -26.87
C ILE D 99 -26.71 38.14 -27.79
N VAL D 100 -26.59 37.49 -28.94
CA VAL D 100 -25.59 37.85 -29.95
C VAL D 100 -26.24 37.54 -31.29
N GLU D 101 -26.62 38.59 -32.02
CA GLU D 101 -27.30 38.42 -33.30
C GLU D 101 -26.61 37.46 -34.24
N GLY D 102 -27.39 36.55 -34.82
CA GLY D 102 -26.86 35.58 -35.75
C GLY D 102 -25.92 34.55 -35.13
N VAL D 103 -25.79 34.56 -33.80
CA VAL D 103 -24.87 33.62 -33.17
C VAL D 103 -25.43 32.83 -31.99
N MET D 104 -26.11 33.51 -31.05
CA MET D 104 -26.61 32.81 -29.87
C MET D 104 -27.82 33.44 -29.20
N SER D 105 -28.75 32.60 -28.76
CA SER D 105 -29.94 33.06 -28.06
C SER D 105 -29.98 32.25 -26.77
N VAL D 106 -30.80 32.69 -25.83
CA VAL D 106 -30.98 31.94 -24.58
C VAL D 106 -32.45 31.73 -24.37
N ILE D 107 -32.81 30.74 -23.58
CA ILE D 107 -34.21 30.52 -23.26
C ILE D 107 -34.26 30.53 -21.74
N GLN D 108 -35.43 30.88 -21.21
CA GLN D 108 -35.61 30.89 -19.77
C GLN D 108 -36.21 29.53 -19.42
N ILE D 109 -35.59 28.86 -18.46
CA ILE D 109 -36.08 27.57 -18.04
C ILE D 109 -36.47 27.64 -16.57
N LYS D 110 -37.25 26.66 -16.12
CA LYS D 110 -37.65 26.61 -14.73
C LYS D 110 -37.36 25.21 -14.25
N TYR D 111 -36.61 25.12 -13.16
CA TYR D 111 -36.29 23.86 -12.54
C TYR D 111 -37.33 23.65 -11.46
N THR D 112 -37.72 22.39 -11.24
CA THR D 112 -38.65 22.05 -10.17
C THR D 112 -37.85 21.06 -9.31
N PHE D 113 -37.83 21.26 -7.99
CA PHE D 113 -37.08 20.35 -7.11
C PHE D 113 -37.62 20.38 -5.69
N ALA E 1 39.18 -24.15 0.94
CA ALA E 1 38.70 -22.79 1.28
C ALA E 1 37.34 -22.59 0.62
N SER E 2 36.52 -21.71 1.19
CA SER E 2 35.20 -21.45 0.65
C SER E 2 34.93 -19.96 0.55
N TYR E 3 33.83 -19.61 -0.12
CA TYR E 3 33.46 -18.22 -0.30
C TYR E 3 31.95 -18.20 -0.60
N LYS E 4 31.35 -17.01 -0.51
CA LYS E 4 29.92 -16.92 -0.75
C LYS E 4 29.52 -16.06 -1.94
N VAL E 5 28.44 -16.46 -2.61
CA VAL E 5 27.89 -15.68 -3.70
C VAL E 5 26.39 -15.84 -3.58
N ASN E 6 25.63 -14.99 -4.26
CA ASN E 6 24.18 -15.08 -4.25
C ASN E 6 23.82 -15.67 -5.60
N ILE E 7 22.96 -16.68 -5.56
CA ILE E 7 22.56 -17.37 -6.78
C ILE E 7 21.08 -17.16 -7.05
N PRO E 8 20.74 -16.82 -8.30
CA PRO E 8 19.33 -16.58 -8.67
C PRO E 8 18.49 -17.79 -8.29
N ALA E 9 17.23 -17.55 -7.93
CA ALA E 9 16.34 -18.64 -7.54
C ALA E 9 14.94 -18.45 -8.10
N GLY E 10 14.78 -17.51 -9.02
CA GLY E 10 13.44 -17.23 -9.50
C GLY E 10 12.81 -16.46 -8.34
N PRO E 11 11.52 -16.11 -8.43
CA PRO E 11 10.94 -15.36 -7.32
C PRO E 11 10.69 -16.17 -6.06
N LEU E 12 11.10 -15.61 -4.92
CA LEU E 12 10.88 -16.25 -3.62
C LEU E 12 9.93 -15.30 -2.92
N TRP E 13 8.74 -15.81 -2.60
CA TRP E 13 7.68 -15.01 -2.01
C TRP E 13 7.70 -14.78 -0.52
N SER E 14 8.43 -15.62 0.23
CA SER E 14 8.47 -15.42 1.68
C SER E 14 9.69 -16.14 2.21
N ASN E 15 9.99 -15.90 3.49
CA ASN E 15 11.13 -16.55 4.09
C ASN E 15 10.89 -18.05 4.27
N ALA E 16 9.65 -18.44 4.58
CA ALA E 16 9.35 -19.84 4.74
C ALA E 16 9.64 -20.55 3.42
N GLU E 17 9.30 -19.91 2.29
CA GLU E 17 9.56 -20.55 1.02
C GLU E 17 11.07 -20.65 0.77
N ALA E 18 11.78 -19.55 1.01
CA ALA E 18 13.21 -19.49 0.81
C ALA E 18 13.94 -20.56 1.62
N GLN E 19 13.49 -20.82 2.83
CA GLN E 19 14.17 -21.84 3.63
C GLN E 19 13.97 -23.23 3.04
N GLN E 20 12.91 -23.42 2.25
CA GLN E 20 12.69 -24.71 1.62
C GLN E 20 13.40 -24.81 0.28
N VAL E 21 13.43 -23.72 -0.46
CA VAL E 21 14.05 -23.68 -1.78
C VAL E 21 15.56 -23.49 -1.76
N GLY E 22 16.05 -22.60 -0.90
CA GLY E 22 17.49 -22.33 -0.80
C GLY E 22 18.39 -23.56 -0.78
N PRO E 23 18.12 -24.54 0.10
CA PRO E 23 18.96 -25.74 0.14
C PRO E 23 19.00 -26.51 -1.18
N LYS E 24 17.92 -26.43 -1.96
CA LYS E 24 17.86 -27.14 -3.24
C LYS E 24 18.71 -26.44 -4.30
N ILE E 25 18.62 -25.11 -4.35
CA ILE E 25 19.41 -24.31 -5.29
C ILE E 25 20.89 -24.54 -4.91
N ALA E 26 21.18 -24.47 -3.61
CA ALA E 26 22.55 -24.67 -3.14
C ALA E 26 23.10 -26.05 -3.55
N ALA E 27 22.30 -27.10 -3.35
CA ALA E 27 22.74 -28.45 -3.70
C ALA E 27 23.05 -28.56 -5.19
N ALA E 28 22.23 -27.90 -6.02
CA ALA E 28 22.43 -27.93 -7.46
C ALA E 28 23.76 -27.26 -7.89
N HIS E 29 24.26 -26.37 -7.05
CA HIS E 29 25.52 -25.70 -7.35
C HIS E 29 26.65 -26.14 -6.43
N GLN E 30 26.45 -27.29 -5.80
CA GLN E 30 27.45 -27.89 -4.92
C GLN E 30 27.86 -26.96 -3.80
N GLY E 31 26.89 -26.29 -3.21
CA GLY E 31 27.20 -25.37 -2.12
C GLY E 31 26.26 -25.57 -0.95
N ASN E 32 26.36 -24.70 0.05
CA ASN E 32 25.50 -24.78 1.22
C ASN E 32 24.75 -23.48 1.39
N PHE E 33 23.43 -23.58 1.53
CA PHE E 33 22.59 -22.40 1.71
C PHE E 33 22.79 -21.89 3.12
N THR E 34 22.99 -20.59 3.27
CA THR E 34 23.24 -19.97 4.57
C THR E 34 21.99 -19.53 5.29
N GLY E 35 20.86 -19.52 4.57
CA GLY E 35 19.63 -19.09 5.18
C GLY E 35 19.25 -17.69 4.73
N GLN E 36 20.23 -16.96 4.18
CA GLN E 36 20.03 -15.60 3.70
C GLN E 36 19.56 -15.59 2.24
N TRP E 37 18.75 -14.60 1.90
CA TRP E 37 18.21 -14.48 0.55
C TRP E 37 17.62 -13.07 0.42
N THR E 38 17.59 -12.55 -0.80
CA THR E 38 17.09 -11.21 -1.07
C THR E 38 16.31 -11.16 -2.36
N THR E 39 15.20 -10.43 -2.37
CA THR E 39 14.46 -10.29 -3.61
C THR E 39 15.06 -9.07 -4.28
N VAL E 40 15.59 -9.26 -5.48
CA VAL E 40 16.23 -8.19 -6.22
C VAL E 40 15.33 -7.52 -7.25
N VAL E 41 14.27 -8.20 -7.63
CA VAL E 41 13.28 -7.65 -8.55
C VAL E 41 11.91 -8.09 -8.03
N GLU E 42 11.14 -7.12 -7.55
CA GLU E 42 9.85 -7.37 -6.97
C GLU E 42 8.97 -8.32 -7.77
N SER E 43 8.48 -9.35 -7.08
CA SER E 43 7.62 -10.37 -7.66
C SER E 43 8.21 -11.06 -8.89
N ALA E 44 9.52 -10.96 -9.10
CA ALA E 44 10.09 -11.60 -10.27
C ALA E 44 11.42 -12.31 -10.08
N MET E 45 12.25 -11.84 -9.17
CA MET E 45 13.54 -12.50 -8.98
C MET E 45 14.16 -12.29 -7.61
N SER E 46 14.64 -13.39 -7.04
CA SER E 46 15.31 -13.37 -5.74
C SER E 46 16.59 -14.19 -5.89
N VAL E 47 17.54 -13.96 -4.98
CA VAL E 47 18.79 -14.68 -4.99
C VAL E 47 18.95 -15.31 -3.60
N VAL E 48 19.69 -16.43 -3.53
CA VAL E 48 19.92 -17.12 -2.27
C VAL E 48 21.42 -17.11 -2.01
N GLU E 49 21.81 -16.91 -0.76
CA GLU E 49 23.22 -16.88 -0.40
C GLU E 49 23.73 -18.30 -0.23
N VAL E 50 24.76 -18.63 -1.00
CA VAL E 50 25.33 -19.97 -0.99
C VAL E 50 26.83 -20.03 -0.76
N GLU E 51 27.26 -20.85 0.19
CA GLU E 51 28.68 -21.00 0.44
C GLU E 51 29.18 -22.03 -0.59
N LEU E 52 30.26 -21.69 -1.29
CA LEU E 52 30.84 -22.55 -2.30
C LEU E 52 32.30 -22.87 -1.98
N GLN E 53 32.79 -23.99 -2.51
CA GLN E 53 34.18 -24.41 -2.34
C GLN E 53 35.00 -23.89 -3.52
N VAL E 54 36.23 -23.44 -3.24
CA VAL E 54 37.11 -22.98 -4.30
C VAL E 54 37.37 -24.15 -5.27
N GLU E 55 37.53 -25.34 -4.73
CA GLU E 55 37.76 -26.55 -5.53
C GLU E 55 36.84 -27.68 -5.10
N ASN E 56 35.99 -28.14 -6.02
CA ASN E 56 35.08 -29.24 -5.69
C ASN E 56 35.80 -30.57 -5.87
N THR E 57 35.63 -31.48 -4.91
CA THR E 57 36.29 -32.77 -4.99
C THR E 57 35.27 -33.88 -4.80
N GLY E 58 35.69 -35.09 -5.11
CA GLY E 58 34.82 -36.24 -4.99
C GLY E 58 35.25 -37.29 -6.00
N ILE E 59 34.59 -38.44 -5.99
CA ILE E 59 34.94 -39.52 -6.91
C ILE E 59 34.03 -39.62 -8.12
N HIS E 60 33.03 -38.74 -8.20
CA HIS E 60 32.11 -38.77 -9.34
C HIS E 60 32.30 -37.57 -10.26
N GLU E 61 31.94 -37.75 -11.54
CA GLU E 61 32.05 -36.64 -12.47
C GLU E 61 30.90 -36.64 -13.46
N PHE E 62 30.64 -35.48 -14.04
CA PHE E 62 29.58 -35.36 -15.04
C PHE E 62 30.03 -34.29 -16.02
N LYS E 63 30.02 -34.64 -17.30
CA LYS E 63 30.41 -33.71 -18.35
C LYS E 63 29.19 -33.20 -19.08
N THR E 64 29.22 -31.93 -19.48
CA THR E 64 28.10 -31.34 -20.19
C THR E 64 28.55 -30.04 -20.87
N ASP E 65 27.72 -29.55 -21.80
CA ASP E 65 28.05 -28.31 -22.50
C ASP E 65 27.23 -27.18 -21.90
N VAL E 66 27.85 -26.02 -21.74
CA VAL E 66 27.13 -24.85 -21.22
C VAL E 66 27.53 -23.65 -22.08
N LEU E 67 26.72 -22.59 -22.05
CA LEU E 67 27.03 -21.39 -22.81
C LEU E 67 28.40 -20.85 -22.45
N ALA E 68 29.14 -20.37 -23.44
CA ALA E 68 30.48 -19.84 -23.18
C ALA E 68 30.63 -18.45 -23.80
N GLY E 69 29.56 -17.98 -24.42
CA GLY E 69 29.62 -16.70 -25.10
C GLY E 69 30.25 -17.00 -26.44
N PRO E 70 30.26 -16.06 -27.39
CA PRO E 70 30.88 -16.34 -28.70
C PRO E 70 32.39 -16.51 -28.58
N LEU E 71 32.91 -17.59 -29.16
CA LEU E 71 34.34 -17.88 -29.14
C LEU E 71 34.75 -18.01 -30.61
N TRP E 72 35.83 -17.33 -30.99
CA TRP E 72 36.28 -17.35 -32.39
C TRP E 72 37.26 -18.41 -32.81
N SER E 73 38.05 -18.92 -31.87
CA SER E 73 39.07 -19.90 -32.25
C SER E 73 39.41 -20.86 -31.15
N ASN E 74 40.13 -21.92 -31.52
CA ASN E 74 40.54 -22.93 -30.56
C ASN E 74 41.47 -22.31 -29.53
N ASP E 75 42.31 -21.37 -29.97
CA ASP E 75 43.24 -20.74 -29.04
C ASP E 75 42.49 -19.88 -28.03
N GLU E 76 41.47 -19.16 -28.49
CA GLU E 76 40.72 -18.33 -27.57
C GLU E 76 39.93 -19.20 -26.60
N ALA E 77 39.41 -20.31 -27.11
CA ALA E 77 38.65 -21.24 -26.28
C ALA E 77 39.56 -21.87 -25.23
N GLN E 78 40.77 -22.26 -25.64
CA GLN E 78 41.70 -22.87 -24.69
C GLN E 78 42.19 -21.86 -23.66
N LYS E 79 42.28 -20.59 -24.05
CA LYS E 79 42.72 -19.54 -23.14
C LYS E 79 41.64 -19.17 -22.13
N LEU E 80 40.42 -19.02 -22.61
CA LEU E 80 39.29 -18.63 -21.76
C LEU E 80 38.53 -19.78 -21.10
N GLY E 81 38.54 -20.95 -21.73
CA GLY E 81 37.82 -22.09 -21.20
C GLY E 81 37.91 -22.35 -19.71
N PRO E 82 39.12 -22.40 -19.14
CA PRO E 82 39.28 -22.64 -17.70
C PRO E 82 38.51 -21.66 -16.84
N GLN E 83 38.64 -20.37 -17.13
CA GLN E 83 37.92 -19.37 -16.33
C GLN E 83 36.41 -19.40 -16.57
N ILE E 84 35.97 -19.64 -17.79
CA ILE E 84 34.53 -19.69 -18.05
C ILE E 84 33.97 -20.89 -17.29
N ALA E 85 34.68 -22.01 -17.36
CA ALA E 85 34.26 -23.22 -16.65
C ALA E 85 34.23 -22.92 -15.14
N ALA E 86 35.26 -22.22 -14.65
CA ALA E 86 35.32 -21.87 -13.24
C ALA E 86 34.08 -21.06 -12.82
N SER E 87 33.54 -20.29 -13.75
CA SER E 87 32.35 -19.49 -13.45
C SER E 87 31.12 -20.37 -13.27
N TYR E 88 31.23 -21.64 -13.66
CA TYR E 88 30.15 -22.61 -13.48
C TYR E 88 30.49 -23.59 -12.34
N GLY E 89 31.60 -23.31 -11.65
CA GLY E 89 32.04 -24.17 -10.56
C GLY E 89 32.52 -25.52 -11.12
N ALA E 90 33.16 -25.49 -12.28
CA ALA E 90 33.62 -26.71 -12.90
C ALA E 90 34.95 -26.56 -13.63
N GLU E 91 35.39 -27.65 -14.26
CA GLU E 91 36.63 -27.65 -15.04
C GLU E 91 36.30 -27.71 -16.53
N PHE E 92 37.19 -27.11 -17.31
CA PHE E 92 37.06 -27.09 -18.75
C PHE E 92 37.78 -28.34 -19.28
N THR E 93 37.15 -29.08 -20.19
CA THR E 93 37.77 -30.29 -20.72
C THR E 93 38.62 -30.05 -21.97
N GLY E 94 38.46 -28.87 -22.57
CA GLY E 94 39.18 -28.57 -23.78
C GLY E 94 38.25 -28.60 -24.98
N GLN E 95 37.14 -29.34 -24.86
CA GLN E 95 36.14 -29.45 -25.93
C GLN E 95 35.21 -28.25 -25.97
N TRP E 96 34.87 -27.82 -27.18
CA TRP E 96 33.99 -26.66 -27.37
C TRP E 96 33.59 -26.59 -28.84
N ARG E 97 32.53 -25.83 -29.12
CA ARG E 97 32.09 -25.63 -30.49
C ARG E 97 31.17 -24.43 -30.57
N THR E 98 31.11 -23.79 -31.72
CA THR E 98 30.22 -22.65 -31.91
C THR E 98 28.86 -23.19 -32.35
N ILE E 99 27.80 -22.73 -31.71
CA ILE E 99 26.47 -23.22 -32.07
C ILE E 99 25.69 -22.24 -32.94
N VAL E 100 26.08 -20.98 -32.89
CA VAL E 100 25.44 -19.98 -33.74
C VAL E 100 26.54 -19.04 -34.20
N GLU E 101 26.87 -19.12 -35.48
CA GLU E 101 27.92 -18.30 -36.06
C GLU E 101 27.82 -16.82 -35.69
N GLY E 102 28.92 -16.30 -35.13
CA GLY E 102 29.01 -14.91 -34.73
C GLY E 102 28.15 -14.52 -33.54
N VAL E 103 27.55 -15.51 -32.88
CA VAL E 103 26.67 -15.22 -31.77
C VAL E 103 26.92 -16.02 -30.49
N MET E 104 27.07 -17.33 -30.61
CA MET E 104 27.24 -18.12 -29.40
C MET E 104 28.00 -19.42 -29.57
N SER E 105 28.80 -19.73 -28.56
CA SER E 105 29.59 -20.94 -28.53
C SER E 105 29.31 -21.60 -27.19
N VAL E 106 29.68 -22.86 -27.06
CA VAL E 106 29.53 -23.58 -25.80
C VAL E 106 30.84 -24.29 -25.52
N ILE E 107 31.10 -24.56 -24.24
CA ILE E 107 32.29 -25.30 -23.84
C ILE E 107 31.82 -26.49 -23.01
N GLN E 108 32.56 -27.58 -23.08
CA GLN E 108 32.23 -28.73 -22.28
C GLN E 108 32.95 -28.55 -20.94
N ILE E 109 32.22 -28.74 -19.86
CA ILE E 109 32.79 -28.60 -18.54
C ILE E 109 32.64 -29.94 -17.85
N LYS E 110 33.43 -30.15 -16.81
CA LYS E 110 33.35 -31.39 -16.07
C LYS E 110 33.13 -31.06 -14.61
N TYR E 111 32.04 -31.58 -14.06
CA TYR E 111 31.74 -31.37 -12.65
C TYR E 111 32.35 -32.52 -11.88
N THR E 112 32.91 -32.24 -10.71
CA THR E 112 33.42 -33.30 -9.87
C THR E 112 32.62 -33.21 -8.58
N PHE E 113 32.06 -34.31 -8.12
CA PHE E 113 31.26 -34.30 -6.88
C PHE E 113 31.29 -35.64 -6.16
N ALA F 1 13.42 -6.45 -16.89
CA ALA F 1 14.12 -5.92 -15.67
C ALA F 1 15.46 -6.66 -15.50
N SER F 2 16.41 -6.02 -14.84
CA SER F 2 17.71 -6.63 -14.60
C SER F 2 18.08 -6.66 -13.13
N TYR F 3 19.10 -7.46 -12.80
CA TYR F 3 19.58 -7.54 -11.43
C TYR F 3 21.06 -7.91 -11.50
N LYS F 4 21.76 -7.77 -10.38
CA LYS F 4 23.18 -8.10 -10.36
C LYS F 4 23.55 -9.19 -9.36
N VAL F 5 24.56 -9.98 -9.73
CA VAL F 5 25.09 -11.06 -8.90
C VAL F 5 26.61 -11.12 -9.13
N ASN F 6 27.32 -11.75 -8.20
CA ASN F 6 28.75 -11.93 -8.37
C ASN F 6 28.94 -13.36 -8.85
N ILE F 7 29.75 -13.52 -9.90
CA ILE F 7 30.00 -14.83 -10.48
C ILE F 7 31.47 -15.18 -10.33
N PRO F 8 31.77 -16.42 -9.93
CA PRO F 8 33.17 -16.86 -9.75
C PRO F 8 33.94 -16.69 -11.06
N ALA F 9 35.24 -16.41 -10.97
CA ALA F 9 36.04 -16.24 -12.18
C ALA F 9 37.44 -16.83 -11.99
N GLY F 10 37.64 -17.50 -10.85
CA GLY F 10 38.95 -18.04 -10.56
C GLY F 10 39.72 -16.86 -10.02
N PRO F 11 41.02 -17.00 -9.72
CA PRO F 11 41.72 -15.82 -9.19
C PRO F 11 42.00 -14.78 -10.28
N LEU F 12 41.79 -13.51 -9.93
CA LEU F 12 42.06 -12.40 -10.86
C LEU F 12 43.18 -11.58 -10.23
N TRP F 13 44.30 -11.46 -10.95
CA TRP F 13 45.48 -10.79 -10.42
C TRP F 13 45.69 -9.31 -10.68
N SER F 14 44.79 -8.69 -11.44
CA SER F 14 44.92 -7.27 -11.72
C SER F 14 43.63 -6.75 -12.30
N ASN F 15 43.43 -5.44 -12.24
CA ASN F 15 42.22 -4.85 -12.79
C ASN F 15 42.24 -5.10 -14.29
N ALA F 16 43.44 -5.04 -14.89
CA ALA F 16 43.58 -5.27 -16.32
C ALA F 16 43.03 -6.64 -16.68
N GLU F 17 43.40 -7.65 -15.88
CA GLU F 17 42.91 -9.00 -16.15
C GLU F 17 41.40 -9.04 -15.91
N ALA F 18 40.97 -8.46 -14.80
CA ALA F 18 39.55 -8.46 -14.47
C ALA F 18 38.74 -7.82 -15.59
N GLN F 19 39.19 -6.67 -16.09
CA GLN F 19 38.44 -6.01 -17.15
C GLN F 19 38.44 -6.80 -18.44
N GLN F 20 39.39 -7.72 -18.58
CA GLN F 20 39.45 -8.54 -19.78
C GLN F 20 38.64 -9.81 -19.60
N VAL F 21 38.68 -10.39 -18.40
CA VAL F 21 37.96 -11.63 -18.13
C VAL F 21 36.49 -11.42 -17.82
N GLY F 22 36.19 -10.37 -17.05
CA GLY F 22 34.82 -10.07 -16.68
C GLY F 22 33.81 -10.13 -17.82
N PRO F 23 34.05 -9.41 -18.94
CA PRO F 23 33.15 -9.39 -20.09
C PRO F 23 32.90 -10.79 -20.66
N LYS F 24 33.94 -11.61 -20.64
CA LYS F 24 33.85 -12.97 -21.16
C LYS F 24 32.97 -13.84 -20.27
N ILE F 25 33.18 -13.75 -18.95
CA ILE F 25 32.37 -14.51 -18.01
C ILE F 25 30.92 -14.06 -18.16
N ALA F 26 30.74 -12.75 -18.21
CA ALA F 26 29.43 -12.16 -18.38
C ALA F 26 28.74 -12.71 -19.62
N ALA F 27 29.42 -12.70 -20.75
CA ALA F 27 28.81 -13.18 -22.00
C ALA F 27 28.39 -14.66 -21.87
N ALA F 28 29.18 -15.44 -21.15
CA ALA F 28 28.89 -16.87 -20.94
C ALA F 28 27.63 -17.02 -20.11
N HIS F 29 27.33 -16.01 -19.30
CA HIS F 29 26.14 -16.05 -18.47
C HIS F 29 25.06 -15.07 -18.94
N GLN F 30 25.16 -14.67 -20.21
CA GLN F 30 24.18 -13.79 -20.82
C GLN F 30 23.93 -12.50 -20.02
N GLY F 31 25.00 -11.93 -19.49
CA GLY F 31 24.84 -10.69 -18.74
C GLY F 31 25.89 -9.67 -19.17
N ASN F 32 25.97 -8.57 -18.44
CA ASN F 32 26.92 -7.53 -18.76
C ASN F 32 27.78 -7.28 -17.54
N PHE F 33 29.09 -7.40 -17.73
CA PHE F 33 30.03 -7.15 -16.65
C PHE F 33 29.88 -5.68 -16.26
N THR F 34 29.78 -5.37 -14.97
CA THR F 34 29.62 -3.99 -14.52
C THR F 34 30.94 -3.28 -14.30
N GLY F 35 32.04 -4.01 -14.36
CA GLY F 35 33.34 -3.40 -14.12
C GLY F 35 33.80 -3.68 -12.70
N GLN F 36 32.86 -4.00 -11.82
CA GLN F 36 33.18 -4.30 -10.42
C GLN F 36 33.53 -5.76 -10.21
N TRP F 37 34.53 -6.01 -9.39
CA TRP F 37 34.96 -7.38 -9.09
C TRP F 37 35.59 -7.40 -7.72
N THR F 38 35.67 -8.58 -7.13
CA THR F 38 36.26 -8.72 -5.80
C THR F 38 36.98 -10.05 -5.60
N THR F 39 38.09 -10.00 -4.87
CA THR F 39 38.81 -11.22 -4.56
C THR F 39 38.23 -11.72 -3.24
N VAL F 40 37.72 -12.94 -3.24
CA VAL F 40 37.08 -13.51 -2.06
C VAL F 40 37.94 -14.51 -1.30
N VAL F 41 38.93 -15.07 -1.99
CA VAL F 41 39.87 -15.99 -1.36
C VAL F 41 41.22 -15.58 -1.92
N GLU F 42 42.07 -15.04 -1.06
CA GLU F 42 43.37 -14.58 -1.51
C GLU F 42 44.12 -15.64 -2.29
N SER F 43 44.58 -15.25 -3.48
CA SER F 43 45.35 -16.13 -4.36
C SER F 43 44.59 -17.32 -4.91
N ALA F 44 43.27 -17.39 -4.69
CA ALA F 44 42.55 -18.56 -5.19
C ALA F 44 41.18 -18.30 -5.82
N MET F 45 40.51 -17.21 -5.45
CA MET F 45 39.21 -16.95 -6.04
C MET F 45 38.75 -15.51 -6.00
N SER F 46 38.31 -15.02 -7.16
CA SER F 46 37.78 -13.67 -7.30
C SER F 46 36.42 -13.84 -7.96
N VAL F 47 35.54 -12.85 -7.78
CA VAL F 47 34.22 -12.88 -8.39
C VAL F 47 34.03 -11.57 -9.17
N VAL F 48 33.24 -11.63 -10.23
CA VAL F 48 32.98 -10.45 -11.05
C VAL F 48 31.49 -10.14 -11.03
N GLU F 49 31.14 -8.87 -10.90
CA GLU F 49 29.74 -8.48 -10.86
C GLU F 49 29.17 -8.43 -12.27
N VAL F 50 28.07 -9.14 -12.44
CA VAL F 50 27.42 -9.24 -13.73
C VAL F 50 25.94 -8.89 -13.62
N GLU F 51 25.47 -8.08 -14.55
CA GLU F 51 24.07 -7.70 -14.57
C GLU F 51 23.36 -8.70 -15.46
N LEU F 52 22.34 -9.34 -14.91
CA LEU F 52 21.57 -10.34 -15.66
C LEU F 52 20.16 -9.86 -15.94
N GLN F 53 19.51 -10.50 -16.90
CA GLN F 53 18.12 -10.17 -17.22
C GLN F 53 17.23 -11.14 -16.46
N VAL F 54 16.07 -10.67 -16.02
CA VAL F 54 15.13 -11.52 -15.32
C VAL F 54 14.67 -12.56 -16.33
N GLU F 55 14.38 -12.11 -17.55
CA GLU F 55 13.96 -13.02 -18.62
C GLU F 55 14.85 -12.87 -19.84
N ASN F 56 15.50 -13.97 -20.22
CA ASN F 56 16.38 -13.96 -21.40
C ASN F 56 15.56 -14.18 -22.65
N THR F 57 15.68 -13.27 -23.61
CA THR F 57 14.93 -13.39 -24.84
C THR F 57 15.83 -13.59 -26.05
N GLY F 58 15.22 -13.99 -27.17
CA GLY F 58 15.98 -14.22 -28.37
C GLY F 58 15.32 -15.26 -29.26
N ILE F 59 15.89 -15.49 -30.43
CA ILE F 59 15.34 -16.45 -31.38
C ILE F 59 16.16 -17.74 -31.43
N HIS F 60 17.19 -17.83 -30.61
CA HIS F 60 18.04 -19.01 -30.58
C HIS F 60 17.88 -19.75 -29.24
N GLU F 61 18.05 -21.07 -29.28
CA GLU F 61 17.95 -21.84 -28.04
C GLU F 61 19.00 -22.94 -27.98
N PHE F 62 19.32 -23.37 -26.77
CA PHE F 62 20.28 -24.45 -26.56
C PHE F 62 19.85 -25.22 -25.32
N LYS F 63 19.79 -26.53 -25.43
CA LYS F 63 19.39 -27.34 -24.28
C LYS F 63 20.57 -28.18 -23.81
N THR F 64 20.62 -28.43 -22.51
CA THR F 64 21.71 -29.23 -21.95
C THR F 64 21.33 -29.64 -20.53
N ASP F 65 22.08 -30.57 -19.97
CA ASP F 65 21.85 -31.01 -18.61
C ASP F 65 22.83 -30.32 -17.68
N VAL F 66 22.36 -29.97 -16.49
CA VAL F 66 23.22 -29.37 -15.48
C VAL F 66 22.88 -30.05 -14.17
N LEU F 67 23.80 -29.96 -13.20
CA LEU F 67 23.57 -30.57 -11.89
C LEU F 67 22.34 -29.97 -11.24
N ALA F 68 21.55 -30.82 -10.59
CA ALA F 68 20.33 -30.40 -9.94
C ALA F 68 20.33 -30.83 -8.48
N GLY F 69 21.42 -31.44 -8.04
CA GLY F 69 21.46 -31.95 -6.68
C GLY F 69 20.66 -33.24 -6.73
N PRO F 70 20.53 -33.96 -5.62
CA PRO F 70 19.76 -35.20 -5.71
C PRO F 70 18.26 -34.93 -5.80
N LEU F 71 17.57 -35.64 -6.70
CA LEU F 71 16.13 -35.50 -6.85
C LEU F 71 15.58 -36.92 -6.66
N TRP F 72 14.67 -37.08 -5.71
CA TRP F 72 14.13 -38.38 -5.37
C TRP F 72 12.91 -38.90 -6.11
N SER F 73 12.22 -38.03 -6.82
CA SER F 73 11.02 -38.46 -7.55
C SER F 73 10.69 -37.46 -8.62
N ASN F 74 9.89 -37.88 -9.58
CA ASN F 74 9.47 -37.00 -10.66
C ASN F 74 8.66 -35.83 -10.06
N ASP F 75 7.84 -36.11 -9.05
CA ASP F 75 7.06 -35.05 -8.40
C ASP F 75 8.01 -33.97 -7.90
N GLU F 76 9.07 -34.39 -7.23
CA GLU F 76 10.02 -33.42 -6.71
C GLU F 76 10.73 -32.69 -7.84
N ALA F 77 11.10 -33.42 -8.89
CA ALA F 77 11.80 -32.83 -10.03
C ALA F 77 10.92 -31.78 -10.71
N GLN F 78 9.65 -32.09 -10.94
CA GLN F 78 8.76 -31.14 -11.59
C GLN F 78 8.51 -29.88 -10.73
N LYS F 79 8.50 -30.04 -9.41
CA LYS F 79 8.27 -28.91 -8.52
C LYS F 79 9.47 -28.00 -8.38
N LEU F 80 10.66 -28.59 -8.36
CA LEU F 80 11.91 -27.84 -8.20
C LEU F 80 12.59 -27.42 -9.49
N GLY F 81 12.37 -28.19 -10.55
CA GLY F 81 12.99 -27.92 -11.83
C GLY F 81 13.04 -26.48 -12.28
N PRO F 82 11.90 -25.77 -12.25
CA PRO F 82 11.85 -24.37 -12.68
C PRO F 82 12.78 -23.47 -11.89
N GLN F 83 12.81 -23.66 -10.58
CA GLN F 83 13.67 -22.84 -9.71
C GLN F 83 15.14 -23.20 -9.88
N ILE F 84 15.44 -24.48 -10.01
CA ILE F 84 16.82 -24.90 -10.22
C ILE F 84 17.28 -24.33 -11.56
N ALA F 85 16.45 -24.45 -12.60
CA ALA F 85 16.82 -23.89 -13.91
C ALA F 85 17.04 -22.38 -13.83
N ALA F 86 16.18 -21.68 -13.10
CA ALA F 86 16.34 -20.22 -12.97
C ALA F 86 17.71 -19.91 -12.36
N SER F 87 18.21 -20.80 -11.51
CA SER F 87 19.51 -20.57 -10.89
C SER F 87 20.65 -20.66 -11.90
N TYR F 88 20.32 -21.11 -13.11
CA TYR F 88 21.31 -21.19 -14.19
C TYR F 88 20.92 -20.19 -15.29
N GLY F 89 19.92 -19.34 -15.01
CA GLY F 89 19.51 -18.37 -16.01
C GLY F 89 18.85 -19.05 -17.21
N ALA F 90 18.05 -20.08 -16.93
CA ALA F 90 17.40 -20.86 -17.97
C ALA F 90 16.03 -21.40 -17.57
N GLU F 91 15.37 -22.08 -18.51
CA GLU F 91 14.05 -22.68 -18.29
C GLU F 91 14.23 -24.15 -18.11
N PHE F 92 13.34 -24.78 -17.35
CA PHE F 92 13.39 -26.21 -17.12
C PHE F 92 12.51 -26.80 -18.22
N THR F 93 12.95 -27.89 -18.86
CA THR F 93 12.20 -28.48 -19.96
C THR F 93 11.25 -29.58 -19.52
N GLY F 94 11.38 -30.03 -18.28
CA GLY F 94 10.53 -31.10 -17.79
C GLY F 94 11.26 -32.43 -17.82
N GLN F 95 12.45 -32.46 -18.42
CA GLN F 95 13.25 -33.70 -18.47
C GLN F 95 14.40 -33.67 -17.46
N TRP F 96 14.62 -34.80 -16.80
CA TRP F 96 15.67 -34.89 -15.80
C TRP F 96 16.06 -36.35 -15.61
N ARG F 97 17.17 -36.59 -14.94
CA ARG F 97 17.58 -37.97 -14.68
C ARG F 97 18.61 -38.02 -13.56
N THR F 98 18.66 -39.15 -12.87
CA THR F 98 19.61 -39.35 -11.79
C THR F 98 20.86 -39.95 -12.39
N ILE F 99 22.02 -39.36 -12.09
CA ILE F 99 23.27 -39.86 -12.63
C ILE F 99 24.04 -40.71 -11.61
N VAL F 100 23.80 -40.49 -10.34
CA VAL F 100 24.42 -41.29 -9.29
C VAL F 100 23.35 -41.50 -8.24
N GLU F 101 22.87 -42.73 -8.11
CA GLU F 101 21.80 -43.07 -7.18
C GLU F 101 22.06 -42.58 -5.76
N GLY F 102 21.06 -41.90 -5.20
CA GLY F 102 21.17 -41.38 -3.85
C GLY F 102 22.16 -40.24 -3.70
N VAL F 103 22.79 -39.82 -4.79
CA VAL F 103 23.77 -38.75 -4.71
C VAL F 103 23.53 -37.52 -5.59
N MET F 104 23.24 -37.73 -6.86
CA MET F 104 23.09 -36.59 -7.75
C MET F 104 22.20 -36.85 -8.96
N SER F 105 21.45 -35.83 -9.35
CA SER F 105 20.58 -35.91 -10.51
C SER F 105 20.91 -34.67 -11.34
N VAL F 106 20.39 -34.64 -12.57
CA VAL F 106 20.59 -33.50 -13.45
C VAL F 106 19.25 -33.15 -14.06
N ILE F 107 19.09 -31.90 -14.48
CA ILE F 107 17.86 -31.49 -15.13
C ILE F 107 18.25 -30.94 -16.47
N GLN F 108 17.33 -31.04 -17.42
CA GLN F 108 17.59 -30.48 -18.72
C GLN F 108 17.04 -29.06 -18.66
N ILE F 109 17.88 -28.10 -19.06
CA ILE F 109 17.49 -26.70 -19.08
C ILE F 109 17.51 -26.21 -20.53
N LYS F 110 16.89 -25.07 -20.77
CA LYS F 110 16.85 -24.48 -22.09
C LYS F 110 17.26 -23.02 -21.99
N TYR F 111 18.32 -22.66 -22.70
CA TYR F 111 18.78 -21.30 -22.69
C TYR F 111 18.13 -20.63 -23.90
N THR F 112 17.77 -19.37 -23.77
CA THR F 112 17.23 -18.63 -24.92
C THR F 112 18.17 -17.45 -25.11
N PHE F 113 18.63 -17.25 -26.34
CA PHE F 113 19.56 -16.15 -26.61
C PHE F 113 19.47 -15.64 -28.04
N ALA G 1 -4.48 11.11 4.51
CA ALA G 1 -4.49 11.81 5.82
C ALA G 1 -5.10 10.87 6.88
N SER G 2 -4.77 11.08 8.14
CA SER G 2 -5.28 10.24 9.20
C SER G 2 -5.96 11.07 10.29
N TYR G 3 -6.68 10.39 11.18
CA TYR G 3 -7.37 11.08 12.25
C TYR G 3 -7.68 10.04 13.31
N LYS G 4 -8.08 10.48 14.50
CA LYS G 4 -8.34 9.54 15.58
C LYS G 4 -9.76 9.60 16.14
N VAL G 5 -10.25 8.43 16.55
CA VAL G 5 -11.56 8.32 17.17
C VAL G 5 -11.44 7.20 18.21
N ASN G 6 -12.35 7.18 19.18
CA ASN G 6 -12.37 6.12 20.18
C ASN G 6 -13.34 5.09 19.65
N ILE G 7 -12.97 3.81 19.77
CA ILE G 7 -13.81 2.72 19.31
C ILE G 7 -14.13 1.79 20.48
N PRO G 8 -15.41 1.38 20.60
CA PRO G 8 -15.81 0.49 21.70
C PRO G 8 -15.03 -0.80 21.67
N ALA G 9 -14.70 -1.32 22.85
CA ALA G 9 -13.93 -2.55 22.94
C ALA G 9 -14.57 -3.52 23.94
N GLY G 10 -15.65 -3.08 24.57
CA GLY G 10 -16.26 -3.91 25.60
C GLY G 10 -15.39 -3.58 26.80
N PRO G 11 -15.65 -4.17 27.99
CA PRO G 11 -14.81 -3.85 29.14
C PRO G 11 -13.35 -4.32 29.02
N LEU G 12 -12.43 -3.44 29.43
CA LEU G 12 -11.00 -3.76 29.42
C LEU G 12 -10.58 -3.60 30.87
N TRP G 13 -10.05 -4.67 31.46
CA TRP G 13 -9.70 -4.68 32.88
C TRP G 13 -8.29 -4.26 33.30
N SER G 14 -7.41 -3.99 32.34
CA SER G 14 -6.05 -3.58 32.67
C SER G 14 -5.38 -3.03 31.43
N ASN G 15 -4.26 -2.33 31.63
CA ASN G 15 -3.50 -1.78 30.52
C ASN G 15 -2.88 -2.97 29.78
N ALA G 16 -2.51 -4.01 30.55
CA ALA G 16 -1.92 -5.19 29.96
C ALA G 16 -2.86 -5.79 28.93
N GLU G 17 -4.13 -5.89 29.25
CA GLU G 17 -5.09 -6.45 28.31
C GLU G 17 -5.30 -5.50 27.13
N ALA G 18 -5.49 -4.22 27.44
CA ALA G 18 -5.75 -3.22 26.42
C ALA G 18 -4.64 -3.09 25.38
N GLN G 19 -3.39 -3.24 25.80
CA GLN G 19 -2.28 -3.12 24.87
C GLN G 19 -2.26 -4.28 23.88
N GLN G 20 -2.94 -5.37 24.22
CA GLN G 20 -3.00 -6.53 23.33
C GLN G 20 -4.29 -6.49 22.52
N VAL G 21 -5.39 -6.11 23.18
CA VAL G 21 -6.70 -6.04 22.53
C VAL G 21 -6.85 -4.85 21.60
N GLY G 22 -6.32 -3.70 22.00
CA GLY G 22 -6.42 -2.50 21.20
C GLY G 22 -6.07 -2.69 19.74
N PRO G 23 -4.91 -3.29 19.43
CA PRO G 23 -4.50 -3.51 18.03
C PRO G 23 -5.48 -4.37 17.26
N LYS G 24 -6.07 -5.34 17.94
CA LYS G 24 -7.02 -6.26 17.31
C LYS G 24 -8.26 -5.50 16.87
N ILE G 25 -8.80 -4.67 17.76
CA ILE G 25 -9.99 -3.87 17.42
C ILE G 25 -9.63 -2.88 16.30
N ALA G 26 -8.48 -2.21 16.44
CA ALA G 26 -8.06 -1.24 15.44
C ALA G 26 -7.94 -1.89 14.07
N ALA G 27 -7.36 -3.09 14.01
CA ALA G 27 -7.19 -3.79 12.74
C ALA G 27 -8.52 -4.14 12.12
N ALA G 28 -9.52 -4.45 12.94
CA ALA G 28 -10.84 -4.78 12.45
C ALA G 28 -11.46 -3.55 11.78
N HIS G 29 -10.95 -2.38 12.17
CA HIS G 29 -11.42 -1.11 11.59
C HIS G 29 -10.37 -0.43 10.72
N GLN G 30 -9.41 -1.23 10.25
CA GLN G 30 -8.38 -0.72 9.36
C GLN G 30 -7.63 0.49 9.91
N GLY G 31 -7.31 0.47 11.19
CA GLY G 31 -6.62 1.58 11.81
C GLY G 31 -5.47 1.08 12.67
N ASN G 32 -4.82 2.00 13.37
CA ASN G 32 -3.72 1.65 14.24
C ASN G 32 -4.05 2.10 15.64
N PHE G 33 -3.87 1.19 16.61
CA PHE G 33 -4.14 1.51 18.00
C PHE G 33 -3.06 2.49 18.42
N THR G 34 -3.43 3.58 19.09
CA THR G 34 -2.44 4.58 19.50
C THR G 34 -1.82 4.27 20.86
N GLY G 35 -2.44 3.39 21.63
CA GLY G 35 -1.93 3.06 22.94
C GLY G 35 -2.85 3.64 24.01
N GLN G 36 -3.61 4.66 23.64
CA GLN G 36 -4.53 5.31 24.57
C GLN G 36 -5.88 4.60 24.60
N TRP G 37 -6.44 4.46 25.80
CA TRP G 37 -7.73 3.82 25.97
C TRP G 37 -8.31 4.30 27.29
N THR G 38 -9.62 4.16 27.45
CA THR G 38 -10.24 4.57 28.69
C THR G 38 -11.54 3.79 28.93
N THR G 39 -11.91 3.66 30.20
CA THR G 39 -13.14 2.96 30.57
C THR G 39 -14.20 4.06 30.67
N VAL G 40 -15.30 3.88 29.93
CA VAL G 40 -16.38 4.86 29.90
C VAL G 40 -17.58 4.48 30.76
N VAL G 41 -17.77 3.18 30.98
CA VAL G 41 -18.82 2.70 31.87
C VAL G 41 -18.14 1.63 32.71
N GLU G 42 -17.98 1.93 33.99
CA GLU G 42 -17.30 1.03 34.92
C GLU G 42 -17.83 -0.38 34.82
N SER G 43 -16.92 -1.34 34.73
CA SER G 43 -17.27 -2.76 34.64
C SER G 43 -18.12 -3.14 33.44
N ALA G 44 -18.28 -2.24 32.46
CA ALA G 44 -19.11 -2.58 31.31
C ALA G 44 -18.60 -2.15 29.93
N MET G 45 -17.89 -1.02 29.85
CA MET G 45 -17.44 -0.58 28.53
C MET G 45 -16.22 0.29 28.55
N SER G 46 -15.27 -0.05 27.68
CA SER G 46 -14.05 0.72 27.54
C SER G 46 -13.90 1.03 26.05
N VAL G 47 -13.13 2.07 25.74
CA VAL G 47 -12.93 2.42 24.35
C VAL G 47 -11.42 2.50 24.07
N VAL G 48 -11.02 2.21 22.84
CA VAL G 48 -9.60 2.28 22.49
C VAL G 48 -9.43 3.34 21.42
N GLU G 49 -8.34 4.11 21.51
CA GLU G 49 -8.12 5.15 20.52
C GLU G 49 -7.47 4.55 19.29
N VAL G 50 -8.07 4.79 18.13
CA VAL G 50 -7.60 4.24 16.87
C VAL G 50 -7.36 5.31 15.82
N GLU G 51 -6.21 5.23 15.15
CA GLU G 51 -5.90 6.19 14.11
C GLU G 51 -6.40 5.59 12.79
N LEU G 52 -7.32 6.28 12.16
CA LEU G 52 -7.90 5.82 10.90
C LEU G 52 -7.39 6.64 9.73
N GLN G 53 -7.55 6.10 8.53
CA GLN G 53 -7.15 6.80 7.32
C GLN G 53 -8.39 7.42 6.69
N VAL G 54 -8.24 8.62 6.13
CA VAL G 54 -9.37 9.26 5.47
C VAL G 54 -9.85 8.38 4.32
N GLU G 55 -8.92 7.86 3.54
CA GLU G 55 -9.29 6.98 2.43
C GLU G 55 -8.53 5.67 2.58
N ASN G 56 -9.26 4.57 2.62
CA ASN G 56 -8.64 3.25 2.75
C ASN G 56 -8.26 2.77 1.36
N THR G 57 -6.97 2.53 1.13
CA THR G 57 -6.50 2.09 -0.18
C THR G 57 -6.07 0.62 -0.19
N GLY G 58 -5.81 0.09 -1.39
CA GLY G 58 -5.42 -1.30 -1.53
C GLY G 58 -6.11 -1.93 -2.73
N ILE G 59 -5.73 -3.15 -3.09
CA ILE G 59 -6.33 -3.82 -4.24
C ILE G 59 -7.44 -4.80 -3.88
N HIS G 60 -7.61 -5.06 -2.59
CA HIS G 60 -8.64 -5.97 -2.13
C HIS G 60 -9.91 -5.23 -1.73
N GLU G 61 -11.03 -5.93 -1.83
CA GLU G 61 -12.31 -5.37 -1.43
C GLU G 61 -13.19 -6.46 -0.87
N PHE G 62 -14.17 -6.04 -0.07
CA PHE G 62 -15.13 -6.97 0.53
C PHE G 62 -16.42 -6.20 0.69
N LYS G 63 -17.49 -6.71 0.08
CA LYS G 63 -18.79 -6.06 0.18
C LYS G 63 -19.67 -6.76 1.23
N THR G 64 -20.53 -5.99 1.89
CA THR G 64 -21.43 -6.53 2.91
C THR G 64 -22.51 -5.50 3.22
N ASP G 65 -23.55 -5.91 3.94
CA ASP G 65 -24.64 -5.00 4.30
C ASP G 65 -24.54 -4.63 5.77
N VAL G 66 -24.85 -3.38 6.11
CA VAL G 66 -24.81 -2.96 7.50
C VAL G 66 -25.98 -2.04 7.79
N LEU G 67 -26.27 -1.86 9.08
CA LEU G 67 -27.38 -1.02 9.49
C LEU G 67 -27.26 0.38 8.95
N ALA G 68 -28.35 0.91 8.41
CA ALA G 68 -28.33 2.27 7.87
C ALA G 68 -29.37 3.16 8.54
N GLY G 69 -30.08 2.63 9.52
CA GLY G 69 -31.14 3.42 10.15
C GLY G 69 -32.31 3.33 9.17
N PRO G 70 -33.50 3.88 9.49
CA PRO G 70 -34.58 3.76 8.50
C PRO G 70 -34.41 4.70 7.29
N LEU G 71 -34.57 4.16 6.09
CA LEU G 71 -34.48 4.93 4.84
C LEU G 71 -35.81 4.76 4.12
N TRP G 72 -36.47 5.87 3.81
CA TRP G 72 -37.80 5.84 3.20
C TRP G 72 -37.96 5.88 1.68
N SER G 73 -36.89 6.16 0.96
CA SER G 73 -36.98 6.22 -0.50
C SER G 73 -35.59 6.04 -1.09
N ASN G 74 -35.54 5.72 -2.38
CA ASN G 74 -34.25 5.55 -3.02
C ASN G 74 -33.50 6.88 -3.06
N ASP G 75 -34.21 7.98 -3.32
CA ASP G 75 -33.52 9.27 -3.36
C ASP G 75 -32.83 9.52 -2.02
N GLU G 76 -33.51 9.22 -0.92
CA GLU G 76 -32.91 9.42 0.38
C GLU G 76 -31.72 8.49 0.58
N ALA G 77 -31.87 7.23 0.18
CA ALA G 77 -30.79 6.26 0.31
C ALA G 77 -29.56 6.67 -0.49
N GLN G 78 -29.76 7.14 -1.71
CA GLN G 78 -28.63 7.54 -2.56
C GLN G 78 -27.95 8.78 -1.99
N LYS G 79 -28.74 9.67 -1.43
CA LYS G 79 -28.22 10.90 -0.85
C LYS G 79 -27.38 10.65 0.41
N LEU G 80 -27.91 9.85 1.32
CA LEU G 80 -27.25 9.56 2.59
C LEU G 80 -26.24 8.41 2.56
N GLY G 81 -26.43 7.48 1.63
CA GLY G 81 -25.55 6.32 1.52
C GLY G 81 -24.07 6.58 1.67
N PRO G 82 -23.49 7.49 0.87
CA PRO G 82 -22.05 7.76 0.96
C PRO G 82 -21.58 8.15 2.37
N GLN G 83 -22.34 9.01 3.03
CA GLN G 83 -21.97 9.44 4.38
C GLN G 83 -22.16 8.31 5.39
N ILE G 84 -23.25 7.56 5.26
CA ILE G 84 -23.46 6.44 6.16
C ILE G 84 -22.31 5.44 5.96
N ALA G 85 -21.96 5.17 4.71
CA ALA G 85 -20.87 4.25 4.41
C ALA G 85 -19.56 4.77 5.01
N ALA G 86 -19.34 6.07 4.89
CA ALA G 86 -18.13 6.68 5.43
C ALA G 86 -18.04 6.43 6.93
N SER G 87 -19.20 6.40 7.60
CA SER G 87 -19.23 6.17 9.03
C SER G 87 -18.78 4.75 9.39
N TYR G 88 -18.67 3.87 8.39
CA TYR G 88 -18.18 2.51 8.60
C TYR G 88 -16.78 2.39 7.97
N GLY G 89 -16.23 3.51 7.51
CA GLY G 89 -14.91 3.50 6.89
C GLY G 89 -14.94 2.70 5.60
N ALA G 90 -16.01 2.89 4.83
CA ALA G 90 -16.21 2.16 3.59
C ALA G 90 -16.91 3.02 2.56
N GLU G 91 -17.11 2.47 1.37
CA GLU G 91 -17.79 3.18 0.29
C GLU G 91 -19.18 2.60 0.12
N PHE G 92 -20.10 3.42 -0.39
CA PHE G 92 -21.49 3.00 -0.62
C PHE G 92 -21.56 2.53 -2.07
N THR G 93 -22.10 1.33 -2.28
CA THR G 93 -22.16 0.76 -3.64
C THR G 93 -23.39 1.17 -4.43
N GLY G 94 -24.38 1.72 -3.75
CA GLY G 94 -25.61 2.11 -4.41
C GLY G 94 -26.77 1.18 -4.06
N GLN G 95 -26.43 -0.02 -3.58
CA GLN G 95 -27.45 -1.01 -3.22
C GLN G 95 -27.94 -0.85 -1.78
N TRP G 96 -29.22 -1.09 -1.55
CA TRP G 96 -29.77 -0.97 -0.21
C TRP G 96 -31.17 -1.55 -0.16
N ARG G 97 -31.71 -1.72 1.03
CA ARG G 97 -33.05 -2.24 1.18
C ARG G 97 -33.51 -2.10 2.63
N THR G 98 -34.83 -2.06 2.80
CA THR G 98 -35.41 -1.95 4.13
C THR G 98 -35.56 -3.38 4.62
N ILE G 99 -35.16 -3.66 5.86
CA ILE G 99 -35.29 -5.02 6.37
C ILE G 99 -36.44 -5.15 7.35
N VAL G 100 -36.89 -4.02 7.89
CA VAL G 100 -38.03 -4.01 8.80
C VAL G 100 -38.81 -2.73 8.51
N GLU G 101 -39.99 -2.89 7.92
CA GLU G 101 -40.83 -1.75 7.56
C GLU G 101 -41.02 -0.71 8.66
N GLY G 102 -40.76 0.53 8.28
CA GLY G 102 -40.89 1.65 9.20
C GLY G 102 -39.84 1.75 10.28
N VAL G 103 -38.88 0.82 10.30
CA VAL G 103 -37.88 0.89 11.37
C VAL G 103 -36.41 0.72 11.00
N MET G 104 -36.10 -0.08 9.99
CA MET G 104 -34.70 -0.25 9.67
C MET G 104 -34.40 -0.71 8.26
N SER G 105 -33.34 -0.15 7.70
CA SER G 105 -32.89 -0.53 6.38
C SER G 105 -31.40 -0.77 6.49
N VAL G 106 -30.80 -1.30 5.44
CA VAL G 106 -29.37 -1.54 5.42
C VAL G 106 -28.85 -1.08 4.08
N ILE G 107 -27.58 -0.69 4.04
CA ILE G 107 -26.98 -0.30 2.78
C ILE G 107 -25.84 -1.27 2.53
N GLN G 108 -25.49 -1.45 1.26
CA GLN G 108 -24.38 -2.33 0.94
C GLN G 108 -23.15 -1.45 0.90
N ILE G 109 -22.10 -1.88 1.58
CA ILE G 109 -20.87 -1.12 1.58
C ILE G 109 -19.74 -1.94 1.00
N LYS G 110 -18.71 -1.25 0.55
CA LYS G 110 -17.53 -1.91 0.02
C LYS G 110 -16.29 -1.44 0.77
N TYR G 111 -15.64 -2.36 1.45
CA TYR G 111 -14.40 -2.04 2.16
C TYR G 111 -13.29 -2.25 1.15
N THR G 112 -12.26 -1.41 1.17
CA THR G 112 -11.13 -1.56 0.29
C THR G 112 -9.96 -1.75 1.25
N PHE G 113 -9.13 -2.77 1.04
CA PHE G 113 -8.00 -3.02 1.93
C PHE G 113 -6.82 -3.74 1.29
N ALA H 1 -27.09 1.81 30.46
CA ALA H 1 -25.95 2.78 30.50
C ALA H 1 -25.53 3.15 29.09
N SER H 2 -24.97 4.34 28.94
CA SER H 2 -24.55 4.79 27.63
C SER H 2 -23.20 5.46 27.74
N TYR H 3 -22.62 5.77 26.58
CA TYR H 3 -21.33 6.42 26.53
C TYR H 3 -21.25 7.12 25.17
N LYS H 4 -20.19 7.87 24.94
CA LYS H 4 -20.07 8.61 23.70
C LYS H 4 -18.74 8.34 23.00
N VAL H 5 -18.76 8.40 21.67
CA VAL H 5 -17.59 8.24 20.84
C VAL H 5 -17.86 9.06 19.59
N ASN H 6 -16.82 9.47 18.89
CA ASN H 6 -16.99 10.23 17.66
C ASN H 6 -16.99 9.27 16.49
N ILE H 7 -17.96 9.42 15.60
CA ILE H 7 -18.06 8.54 14.43
C ILE H 7 -17.79 9.33 13.15
N PRO H 8 -17.01 8.75 12.22
CA PRO H 8 -16.70 9.46 10.97
C PRO H 8 -17.96 9.75 10.17
N ALA H 9 -17.99 10.90 9.50
CA ALA H 9 -19.16 11.28 8.72
C ALA H 9 -18.76 11.83 7.36
N GLY H 10 -17.48 11.72 7.03
CA GLY H 10 -17.05 12.29 5.77
C GLY H 10 -16.93 13.77 6.07
N PRO H 11 -16.58 14.61 5.10
CA PRO H 11 -16.46 16.04 5.39
C PRO H 11 -17.79 16.72 5.71
N LEU H 12 -17.79 17.57 6.73
CA LEU H 12 -18.99 18.30 7.12
C LEU H 12 -18.54 19.76 7.00
N TRP H 13 -19.26 20.52 6.18
CA TRP H 13 -18.88 21.90 5.90
C TRP H 13 -19.51 23.02 6.72
N SER H 14 -20.54 22.70 7.50
CA SER H 14 -21.18 23.71 8.34
C SER H 14 -21.96 23.03 9.44
N ASN H 15 -22.30 23.80 10.46
CA ASN H 15 -23.07 23.25 11.56
C ASN H 15 -24.42 22.80 11.02
N ALA H 16 -24.99 23.59 10.10
CA ALA H 16 -26.29 23.25 9.53
C ALA H 16 -26.21 21.86 8.88
N GLU H 17 -25.14 21.60 8.13
CA GLU H 17 -25.02 20.28 7.49
C GLU H 17 -24.87 19.19 8.55
N ALA H 18 -24.01 19.42 9.53
CA ALA H 18 -23.79 18.46 10.60
C ALA H 18 -25.11 18.13 11.33
N GLN H 19 -25.95 19.14 11.55
CA GLN H 19 -27.22 18.88 12.23
C GLN H 19 -28.18 18.04 11.37
N GLN H 20 -27.98 18.05 10.05
CA GLN H 20 -28.84 17.25 9.19
C GLN H 20 -28.24 15.84 9.06
N VAL H 21 -26.91 15.77 8.97
CA VAL H 21 -26.22 14.50 8.80
C VAL H 21 -25.99 13.73 10.11
N GLY H 22 -25.60 14.43 11.17
CA GLY H 22 -25.34 13.77 12.43
C GLY H 22 -26.41 12.77 12.87
N PRO H 23 -27.69 13.16 12.83
CA PRO H 23 -28.75 12.25 13.25
C PRO H 23 -28.85 10.97 12.42
N LYS H 24 -28.57 11.08 11.12
CA LYS H 24 -28.64 9.93 10.24
C LYS H 24 -27.50 8.95 10.53
N ILE H 25 -26.31 9.47 10.79
CA ILE H 25 -25.17 8.64 11.13
C ILE H 25 -25.46 7.95 12.48
N ALA H 26 -25.95 8.72 13.44
CA ALA H 26 -26.28 8.17 14.75
C ALA H 26 -27.29 7.01 14.61
N ALA H 27 -28.30 7.21 13.78
CA ALA H 27 -29.33 6.18 13.59
C ALA H 27 -28.77 4.89 12.96
N ALA H 28 -27.77 5.03 12.09
CA ALA H 28 -27.17 3.86 11.45
C ALA H 28 -26.40 3.07 12.49
N HIS H 29 -25.95 3.77 13.53
CA HIS H 29 -25.18 3.14 14.60
C HIS H 29 -25.95 2.97 15.90
N GLN H 30 -27.28 3.00 15.79
CA GLN H 30 -28.16 2.81 16.92
C GLN H 30 -27.85 3.73 18.09
N GLY H 31 -27.51 4.98 17.78
CA GLY H 31 -27.19 5.92 18.84
C GLY H 31 -27.92 7.23 18.66
N ASN H 32 -27.51 8.22 19.43
CA ASN H 32 -28.10 9.55 19.37
C ASN H 32 -27.04 10.61 19.19
N PHE H 33 -27.22 11.45 18.17
CA PHE H 33 -26.29 12.54 17.89
C PHE H 33 -26.47 13.62 18.97
N THR H 34 -25.37 14.08 19.54
CA THR H 34 -25.46 15.08 20.60
C THR H 34 -25.47 16.50 20.08
N GLY H 35 -25.22 16.68 18.79
CA GLY H 35 -25.19 18.00 18.22
C GLY H 35 -23.76 18.49 18.08
N GLN H 36 -22.83 17.83 18.77
CA GLN H 36 -21.42 18.21 18.75
C GLN H 36 -20.64 17.43 17.69
N TRP H 37 -19.78 18.10 16.95
CA TRP H 37 -19.01 17.42 15.89
C TRP H 37 -17.71 18.19 15.70
N THR H 38 -16.75 17.56 15.03
CA THR H 38 -15.44 18.19 14.83
C THR H 38 -14.85 17.82 13.47
N THR H 39 -14.30 18.81 12.77
CA THR H 39 -13.66 18.50 11.50
C THR H 39 -12.25 18.11 11.93
N VAL H 40 -11.82 16.89 11.57
CA VAL H 40 -10.50 16.43 11.95
C VAL H 40 -9.46 16.49 10.82
N VAL H 41 -9.93 16.55 9.58
CA VAL H 41 -9.04 16.69 8.44
C VAL H 41 -9.71 17.72 7.55
N GLU H 42 -9.17 18.93 7.53
CA GLU H 42 -9.75 20.02 6.74
C GLU H 42 -10.08 19.61 5.32
N SER H 43 -11.34 19.84 4.95
CA SER H 43 -11.89 19.53 3.63
C SER H 43 -12.02 18.04 3.33
N ALA H 44 -11.75 17.18 4.29
CA ALA H 44 -11.79 15.75 3.99
C ALA H 44 -12.51 14.85 5.00
N MET H 45 -12.51 15.23 6.27
CA MET H 45 -13.15 14.37 7.25
C MET H 45 -13.59 15.10 8.50
N SER H 46 -14.80 14.79 8.92
CA SER H 46 -15.35 15.36 10.14
C SER H 46 -15.91 14.18 10.92
N VAL H 47 -16.04 14.33 12.23
CA VAL H 47 -16.60 13.24 13.02
C VAL H 47 -17.74 13.80 13.83
N VAL H 48 -18.73 12.96 14.12
CA VAL H 48 -19.87 13.40 14.90
C VAL H 48 -19.96 12.60 16.20
N GLU H 49 -20.27 13.30 17.30
CA GLU H 49 -20.38 12.67 18.59
C GLU H 49 -21.70 11.93 18.72
N VAL H 50 -21.62 10.63 18.95
CA VAL H 50 -22.82 9.82 19.05
C VAL H 50 -22.86 9.11 20.39
N GLU H 51 -23.99 9.24 21.07
CA GLU H 51 -24.16 8.58 22.36
C GLU H 51 -24.71 7.19 22.04
N LEU H 52 -24.01 6.17 22.52
CA LEU H 52 -24.37 4.78 22.26
C LEU H 52 -24.79 4.07 23.53
N GLN H 53 -25.52 2.97 23.34
CA GLN H 53 -25.97 2.16 24.45
C GLN H 53 -24.92 1.08 24.65
N VAL H 54 -24.58 0.77 25.90
CA VAL H 54 -23.60 -0.28 26.19
C VAL H 54 -24.12 -1.57 25.57
N GLU H 55 -25.42 -1.80 25.69
CA GLU H 55 -26.03 -2.97 25.09
C GLU H 55 -27.24 -2.55 24.28
N ASN H 56 -27.30 -2.97 23.02
CA ASN H 56 -28.42 -2.64 22.18
C ASN H 56 -29.46 -3.72 22.37
N THR H 57 -30.71 -3.32 22.60
CA THR H 57 -31.80 -4.27 22.80
C THR H 57 -32.95 -4.00 21.84
N GLY H 58 -33.85 -4.96 21.72
CA GLY H 58 -34.97 -4.78 20.81
C GLY H 58 -35.55 -6.12 20.46
N ILE H 59 -36.56 -6.11 19.60
CA ILE H 59 -37.19 -7.37 19.23
C ILE H 59 -36.80 -7.85 17.85
N HIS H 60 -35.92 -7.11 17.18
CA HIS H 60 -35.46 -7.52 15.84
C HIS H 60 -33.96 -7.75 15.82
N GLU H 61 -33.51 -8.51 14.83
CA GLU H 61 -32.10 -8.78 14.68
C GLU H 61 -31.73 -8.91 13.21
N PHE H 62 -30.45 -8.68 12.91
CA PHE H 62 -29.93 -8.75 11.55
C PHE H 62 -28.50 -9.25 11.64
N LYS H 63 -28.15 -10.28 10.87
CA LYS H 63 -26.78 -10.81 10.88
C LYS H 63 -26.06 -10.47 9.58
N THR H 64 -24.75 -10.26 9.67
CA THR H 64 -23.97 -9.92 8.48
C THR H 64 -22.48 -10.08 8.81
N ASP H 65 -21.61 -10.06 7.80
CA ASP H 65 -20.17 -10.22 8.03
C ASP H 65 -19.47 -8.88 7.95
N VAL H 66 -18.52 -8.64 8.84
CA VAL H 66 -17.77 -7.38 8.86
C VAL H 66 -16.29 -7.70 9.07
N LEU H 67 -15.42 -6.75 8.73
CA LEU H 67 -13.98 -6.94 8.87
C LEU H 67 -13.61 -7.21 10.32
N ALA H 68 -12.70 -8.15 10.51
CA ALA H 68 -12.27 -8.52 11.86
C ALA H 68 -10.76 -8.40 12.02
N GLY H 69 -10.09 -7.94 10.99
CA GLY H 69 -8.64 -7.87 11.04
C GLY H 69 -8.20 -9.30 10.74
N PRO H 70 -6.90 -9.58 10.60
CA PRO H 70 -6.52 -10.96 10.30
C PRO H 70 -6.61 -11.86 11.54
N LEU H 71 -7.26 -13.01 11.41
CA LEU H 71 -7.42 -13.96 12.52
C LEU H 71 -6.70 -15.25 12.14
N TRP H 72 -5.76 -15.70 12.96
CA TRP H 72 -4.99 -16.88 12.59
C TRP H 72 -5.52 -18.26 12.96
N SER H 73 -6.49 -18.35 13.86
CA SER H 73 -7.02 -19.65 14.24
C SER H 73 -8.44 -19.52 14.81
N ASN H 74 -9.14 -20.65 14.91
CA ASN H 74 -10.47 -20.62 15.46
C ASN H 74 -10.40 -20.25 16.95
N ASP H 75 -9.34 -20.69 17.64
CA ASP H 75 -9.20 -20.33 19.04
C ASP H 75 -9.04 -18.83 19.18
N GLU H 76 -8.25 -18.22 18.30
CA GLU H 76 -8.09 -16.78 18.37
C GLU H 76 -9.40 -16.08 18.02
N ALA H 77 -10.06 -16.57 16.97
CA ALA H 77 -11.34 -16.01 16.52
C ALA H 77 -12.41 -16.05 17.60
N GLN H 78 -12.50 -17.16 18.33
CA GLN H 78 -13.50 -17.28 19.40
C GLN H 78 -13.17 -16.40 20.59
N LYS H 79 -11.88 -16.17 20.84
CA LYS H 79 -11.47 -15.34 21.97
C LYS H 79 -11.66 -13.86 21.68
N LEU H 80 -11.31 -13.44 20.46
CA LEU H 80 -11.42 -12.03 20.08
C LEU H 80 -12.79 -11.64 19.52
N GLY H 81 -13.46 -12.61 18.91
CA GLY H 81 -14.77 -12.38 18.30
C GLY H 81 -15.71 -11.46 19.06
N PRO H 82 -16.04 -11.80 20.32
CA PRO H 82 -16.95 -10.98 21.13
C PRO H 82 -16.53 -9.50 21.25
N GLN H 83 -15.23 -9.25 21.38
CA GLN H 83 -14.74 -7.86 21.52
C GLN H 83 -14.77 -7.11 20.20
N ILE H 84 -14.41 -7.80 19.13
CA ILE H 84 -14.44 -7.17 17.82
C ILE H 84 -15.92 -6.86 17.52
N ALA H 85 -16.80 -7.82 17.78
CA ALA H 85 -18.23 -7.59 17.54
C ALA H 85 -18.70 -6.38 18.34
N ALA H 86 -18.25 -6.28 19.59
CA ALA H 86 -18.65 -5.15 20.42
C ALA H 86 -18.18 -3.84 19.81
N SER H 87 -17.09 -3.89 19.04
CA SER H 87 -16.57 -2.66 18.43
C SER H 87 -17.49 -2.16 17.30
N TYR H 88 -18.46 -2.99 16.94
CA TYR H 88 -19.46 -2.67 15.91
C TYR H 88 -20.82 -2.50 16.59
N GLY H 89 -20.83 -2.54 17.92
CA GLY H 89 -22.06 -2.41 18.66
C GLY H 89 -22.94 -3.60 18.38
N ALA H 90 -22.33 -4.77 18.31
CA ALA H 90 -23.06 -6.00 18.04
C ALA H 90 -22.49 -7.21 18.78
N GLU H 91 -23.11 -8.37 18.56
CA GLU H 91 -22.69 -9.63 19.18
C GLU H 91 -22.08 -10.52 18.11
N PHE H 92 -21.10 -11.30 18.52
CA PHE H 92 -20.40 -12.26 17.66
C PHE H 92 -21.24 -13.55 17.67
N THR H 93 -21.45 -14.15 16.50
CA THR H 93 -22.28 -15.37 16.45
C THR H 93 -21.44 -16.63 16.55
N GLY H 94 -20.14 -16.50 16.38
CA GLY H 94 -19.27 -17.66 16.43
C GLY H 94 -18.76 -18.06 15.06
N GLN H 95 -19.40 -17.55 14.01
CA GLN H 95 -18.99 -17.85 12.65
C GLN H 95 -17.98 -16.80 12.16
N TRP H 96 -17.02 -17.25 11.37
CA TRP H 96 -15.99 -16.35 10.86
C TRP H 96 -15.19 -17.07 9.79
N ARG H 97 -14.36 -16.31 9.07
CA ARG H 97 -13.53 -16.90 8.05
C ARG H 97 -12.48 -15.91 7.57
N THR H 98 -11.39 -16.43 7.05
CA THR H 98 -10.34 -15.56 6.52
C THR H 98 -10.70 -15.32 5.05
N ILE H 99 -10.39 -14.13 4.54
CA ILE H 99 -10.70 -13.83 3.15
C ILE H 99 -9.42 -13.54 2.35
N VAL H 100 -8.36 -13.14 3.05
CA VAL H 100 -7.08 -12.90 2.40
C VAL H 100 -6.04 -13.25 3.45
N GLU H 101 -5.45 -14.42 3.28
CA GLU H 101 -4.45 -14.95 4.21
C GLU H 101 -3.44 -13.91 4.64
N GLY H 102 -3.23 -13.83 5.95
CA GLY H 102 -2.28 -12.89 6.51
C GLY H 102 -2.69 -11.43 6.46
N VAL H 103 -3.85 -11.17 5.87
CA VAL H 103 -4.28 -9.79 5.75
C VAL H 103 -5.63 -9.46 6.35
N MET H 104 -6.63 -10.31 6.08
CA MET H 104 -7.95 -10.02 6.57
C MET H 104 -8.87 -11.23 6.68
N SER H 105 -9.70 -11.20 7.71
CA SER H 105 -10.69 -12.22 7.93
C SER H 105 -11.94 -11.44 8.32
N VAL H 106 -13.05 -12.13 8.46
CA VAL H 106 -14.29 -11.46 8.81
C VAL H 106 -15.05 -12.29 9.83
N ILE H 107 -15.85 -11.62 10.65
CA ILE H 107 -16.66 -12.32 11.63
C ILE H 107 -18.13 -12.04 11.35
N GLN H 108 -18.99 -12.98 11.71
CA GLN H 108 -20.40 -12.76 11.53
C GLN H 108 -20.89 -12.13 12.84
N ILE H 109 -21.59 -11.02 12.73
CA ILE H 109 -22.12 -10.34 13.90
C ILE H 109 -23.64 -10.32 13.81
N LYS H 110 -24.28 -10.15 14.96
CA LYS H 110 -25.73 -10.08 15.01
C LYS H 110 -26.10 -8.76 15.64
N TYR H 111 -26.85 -7.95 14.90
CA TYR H 111 -27.32 -6.66 15.40
C TYR H 111 -28.69 -6.92 15.99
N THR H 112 -29.01 -6.22 17.09
CA THR H 112 -30.32 -6.34 17.71
C THR H 112 -30.90 -4.91 17.75
N PHE H 113 -32.09 -4.71 17.20
CA PHE H 113 -32.70 -3.38 17.19
C PHE H 113 -34.23 -3.45 17.29
#